data_5VS6
#
_entry.id   5VS6
#
_cell.length_a   75.800
_cell.length_b   68.520
_cell.length_c   80.310
_cell.angle_alpha   90.000
_cell.angle_beta   96.170
_cell.angle_gamma   90.000
#
_symmetry.space_group_name_H-M   'P 1 21 1'
#
loop_
_entity.id
_entity.type
_entity.pdbx_description
1 polymer 'Ubiquitin carboxyl-terminal hydrolase 7'
2 non-polymer N-[3-({4-hydroxy-1-[(3R)-3-phenylbutanoyl]piperidin-4-yl}methyl)-4-oxo-3,4-dihydroquinazolin-7-yl]-3-(4-methylpiperazin-1-yl)propanamide
3 non-polymer 'ACETATE ION'
4 non-polymer GLYCEROL
5 water water
#
_entity_poly.entity_id   1
_entity_poly.type   'polypeptide(L)'
_entity_poly.pdbx_seq_one_letter_code
;KKHTGYVGLKNQGATCYMNSLLQTLFFTNQLRKAVYMMPTEGDDSSKSVPLALQRVFYELQHSDKPVGTKKLTKSFGWET
LDSFMQHDVQELCRVLLDNVENKMKGTCVEGTIPKLFRGKMVSYIQCKEVDYRSDRREDYYDIQLSIKGKKNIFESFVDY
VAVEQLDGDNKYDAGEHGLQEAEKGVKFLTLPPVLHLQLMRFMYDPQTDQNIKINDRFEFPEQLPLDEFLQKTDPKDPAN
YILHAVLVHSGDNHGGHYVVYLNPKGDGKWCKFDDDVVSRCTKEEAIEHNYGGHDDDLSVRHCTNAYMLVYIRESKLSEV
LQAVTDHDIPQQLVERLQEEKRIEAQKRKERQE
;
_entity_poly.pdbx_strand_id   A,B
#
loop_
_chem_comp.id
_chem_comp.type
_chem_comp.name
_chem_comp.formula
9QD non-polymer N-[3-({4-hydroxy-1-[(3R)-3-phenylbutanoyl]piperidin-4-yl}methyl)-4-oxo-3,4-dihydroquinazolin-7-yl]-3-(4-methylpiperazin-1-yl)propanamide 'C32 H42 N6 O4'
ACT non-polymer 'ACETATE ION' 'C2 H3 O2 -1'
GOL non-polymer GLYCEROL 'C3 H8 O3'
#
# COMPACT_ATOMS: atom_id res chain seq x y z
N LYS A 1 -19.37 4.24 13.52
CA LYS A 1 -19.18 3.95 12.11
C LYS A 1 -20.35 4.55 11.36
N LYS A 2 -20.72 5.75 11.77
CA LYS A 2 -21.76 6.50 11.08
C LYS A 2 -21.34 7.97 10.99
N HIS A 3 -21.11 8.60 12.14
CA HIS A 3 -20.77 10.02 12.16
C HIS A 3 -19.34 10.25 11.69
N THR A 4 -18.46 9.28 11.90
CA THR A 4 -17.02 9.47 11.81
C THR A 4 -16.36 8.63 10.74
N GLY A 5 -17.01 7.57 10.26
CA GLY A 5 -16.36 6.60 9.42
C GLY A 5 -15.59 5.54 10.17
N TYR A 6 -15.42 5.71 11.49
CA TYR A 6 -14.69 4.78 12.32
C TYR A 6 -15.63 4.22 13.37
N VAL A 7 -15.40 2.96 13.74
CA VAL A 7 -16.26 2.30 14.71
C VAL A 7 -15.47 2.04 15.98
N GLY A 8 -16.19 1.83 17.09
CA GLY A 8 -15.58 1.68 18.39
C GLY A 8 -15.36 0.22 18.78
N LEU A 9 -14.85 0.05 20.00
CA LEU A 9 -14.63 -1.25 20.63
C LEU A 9 -15.46 -1.35 21.89
N LYS A 10 -16.11 -2.51 22.08
CA LYS A 10 -16.99 -2.65 23.24
C LYS A 10 -16.20 -2.42 24.52
N ASN A 11 -16.87 -1.92 25.54
CA ASN A 11 -16.38 -2.03 26.92
C ASN A 11 -16.92 -3.35 27.45
N GLN A 12 -16.07 -4.38 27.44
CA GLN A 12 -16.51 -5.72 27.81
C GLN A 12 -16.11 -6.12 29.22
N GLY A 13 -15.11 -5.47 29.80
CA GLY A 13 -14.75 -5.72 31.18
C GLY A 13 -13.89 -4.60 31.72
N ALA A 14 -12.76 -4.97 32.32
CA ALA A 14 -11.73 -4.02 32.69
C ALA A 14 -10.47 -4.44 31.94
N THR A 15 -10.37 -4.01 30.69
CA THR A 15 -9.17 -4.27 29.90
C THR A 15 -8.26 -3.06 29.83
N CYS A 16 -8.58 -1.99 30.57
CA CYS A 16 -7.75 -0.80 30.74
C CYS A 16 -7.30 -0.19 29.41
N TYR A 17 -6.00 -0.26 29.12
CA TYR A 17 -5.42 0.41 27.95
C TYR A 17 -5.55 -0.39 26.66
N MET A 18 -6.14 -1.59 26.70
CA MET A 18 -6.09 -2.49 25.55
C MET A 18 -6.85 -1.95 24.36
N ASN A 19 -8.05 -1.41 24.56
CA ASN A 19 -8.80 -0.86 23.42
C ASN A 19 -8.05 0.30 22.78
N SER A 20 -7.45 1.17 23.61
CA SER A 20 -6.66 2.28 23.08
C SER A 20 -5.54 1.79 22.17
N LEU A 21 -4.84 0.73 22.59
CA LEU A 21 -3.73 0.19 21.81
C LEU A 21 -4.24 -0.49 20.54
N LEU A 22 -5.41 -1.15 20.61
CA LEU A 22 -5.98 -1.81 19.44
C LEU A 22 -6.31 -0.80 18.35
N GLN A 23 -6.92 0.33 18.72
CA GLN A 23 -7.17 1.37 17.74
C GLN A 23 -5.86 1.89 17.17
N THR A 24 -4.88 2.14 18.04
CA THR A 24 -3.57 2.62 17.57
C THR A 24 -2.97 1.67 16.55
N LEU A 25 -2.93 0.38 16.88
CA LEU A 25 -2.38 -0.60 15.93
C LEU A 25 -3.25 -0.72 14.68
N PHE A 26 -4.57 -0.63 14.83
CA PHE A 26 -5.44 -0.80 13.67
C PHE A 26 -5.20 0.30 12.64
N PHE A 27 -4.98 1.53 13.10
CA PHE A 27 -4.71 2.63 12.19
C PHE A 27 -3.23 2.74 11.84
N THR A 28 -2.40 1.75 12.17
CA THR A 28 -1.09 1.62 11.54
C THR A 28 -1.30 0.80 10.27
N ASN A 29 -1.76 1.49 9.22
CA ASN A 29 -2.33 0.81 8.06
C ASN A 29 -1.37 -0.19 7.43
N GLN A 30 -0.08 0.11 7.40
CA GLN A 30 0.86 -0.82 6.81
C GLN A 30 0.89 -2.13 7.60
N LEU A 31 0.77 -2.02 8.92
CA LEU A 31 0.72 -3.21 9.75
C LEU A 31 -0.58 -3.99 9.50
N ARG A 32 -1.72 -3.29 9.55
CA ARG A 32 -3.01 -3.92 9.26
C ARG A 32 -2.94 -4.75 7.99
N LYS A 33 -2.49 -4.14 6.89
CA LYS A 33 -2.46 -4.83 5.61
C LYS A 33 -1.61 -6.09 5.68
N ALA A 34 -0.47 -6.03 6.40
CA ALA A 34 0.34 -7.23 6.58
C ALA A 34 -0.37 -8.26 7.45
N VAL A 35 -1.06 -7.81 8.50
CA VAL A 35 -1.78 -8.75 9.34
C VAL A 35 -2.77 -9.54 8.50
N TYR A 36 -3.49 -8.87 7.59
CA TYR A 36 -4.41 -9.57 6.70
C TYR A 36 -3.70 -10.62 5.84
N MET A 37 -2.40 -10.43 5.55
CA MET A 37 -1.68 -11.33 4.67
C MET A 37 -1.20 -12.61 5.37
N MET A 38 -1.24 -12.65 6.70
CA MET A 38 -0.69 -13.80 7.43
C MET A 38 -1.43 -15.09 7.07
N PRO A 39 -0.73 -16.21 6.92
CA PRO A 39 -1.36 -17.49 6.57
C PRO A 39 -1.89 -18.26 7.79
N THR A 40 -3.08 -17.87 8.25
CA THR A 40 -3.72 -18.46 9.42
C THR A 40 -4.80 -19.48 9.07
N GLU A 41 -4.90 -19.89 7.80
CA GLU A 41 -5.99 -20.79 7.42
C GLU A 41 -6.07 -22.01 8.34
N GLY A 42 -4.93 -22.55 8.76
CA GLY A 42 -4.93 -23.73 9.61
C GLY A 42 -4.86 -23.49 11.10
N ASP A 43 -5.05 -22.24 11.56
CA ASP A 43 -4.89 -21.89 12.96
C ASP A 43 -6.12 -22.29 13.78
N ASP A 44 -5.89 -22.60 15.06
CA ASP A 44 -6.99 -22.86 15.97
C ASP A 44 -7.84 -21.60 16.12
N SER A 45 -9.14 -21.74 15.85
CA SER A 45 -10.04 -20.59 15.80
C SER A 45 -9.99 -19.74 17.07
N SER A 46 -9.59 -20.30 18.21
CA SER A 46 -9.67 -19.59 19.47
C SER A 46 -8.35 -19.48 20.23
N LYS A 47 -7.32 -20.26 19.87
CA LYS A 47 -6.03 -20.16 20.53
C LYS A 47 -5.01 -19.31 19.77
N SER A 48 -5.33 -18.83 18.57
CA SER A 48 -4.38 -18.11 17.73
C SER A 48 -4.48 -16.60 17.94
N VAL A 49 -3.43 -16.00 18.50
CA VAL A 49 -3.39 -14.54 18.62
C VAL A 49 -3.41 -13.90 17.24
N PRO A 50 -2.68 -14.39 16.25
CA PRO A 50 -2.76 -13.78 14.91
C PRO A 50 -4.17 -13.79 14.34
N LEU A 51 -4.82 -14.96 14.30
CA LEU A 51 -6.20 -14.99 13.82
C LEU A 51 -7.08 -14.04 14.61
N ALA A 52 -6.91 -14.02 15.94
CA ALA A 52 -7.74 -13.15 16.78
C ALA A 52 -7.57 -11.69 16.39
N LEU A 53 -6.39 -11.31 15.88
CA LEU A 53 -6.13 -9.93 15.52
C LEU A 53 -6.61 -9.61 14.10
N GLN A 54 -6.55 -10.58 13.20
CA GLN A 54 -7.24 -10.41 11.92
C GLN A 54 -8.73 -10.20 12.16
N ARG A 55 -9.29 -10.92 13.14
CA ARG A 55 -10.71 -10.80 13.44
C ARG A 55 -11.07 -9.38 13.87
N VAL A 56 -10.35 -8.83 14.85
CA VAL A 56 -10.68 -7.50 15.36
C VAL A 56 -10.46 -6.44 14.30
N PHE A 57 -9.34 -6.53 13.58
CA PHE A 57 -9.06 -5.59 12.50
C PHE A 57 -10.14 -5.66 11.42
N TYR A 58 -10.53 -6.88 11.03
CA TYR A 58 -11.60 -7.04 10.07
C TYR A 58 -12.90 -6.43 10.60
N GLU A 59 -13.22 -6.67 11.87
CA GLU A 59 -14.44 -6.09 12.45
C GLU A 59 -14.31 -4.57 12.52
N LEU A 60 -13.17 -4.07 13.02
CA LEU A 60 -12.93 -2.62 13.06
C LEU A 60 -13.10 -1.96 11.70
N GLN A 61 -12.83 -2.70 10.61
CA GLN A 61 -12.85 -2.13 9.27
C GLN A 61 -14.20 -2.27 8.54
N HIS A 62 -15.04 -3.21 8.94
CA HIS A 62 -16.34 -3.41 8.28
C HIS A 62 -17.54 -3.17 9.17
N SER A 63 -17.45 -3.51 10.45
CA SER A 63 -18.63 -3.48 11.32
C SER A 63 -19.14 -2.05 11.56
N ASP A 64 -20.46 -1.95 11.69
CA ASP A 64 -21.12 -0.71 12.04
C ASP A 64 -21.42 -0.60 13.53
N LYS A 65 -21.31 -1.70 14.27
CA LYS A 65 -21.53 -1.72 15.71
C LYS A 65 -20.21 -1.94 16.45
N PRO A 66 -20.11 -1.47 17.70
CA PRO A 66 -18.84 -1.58 18.42
C PRO A 66 -18.38 -3.04 18.49
N VAL A 67 -17.07 -3.22 18.48
CA VAL A 67 -16.44 -4.51 18.19
C VAL A 67 -16.01 -5.17 19.48
N GLY A 68 -16.31 -6.49 19.60
CA GLY A 68 -15.90 -7.26 20.76
C GLY A 68 -14.45 -7.75 20.68
N THR A 69 -13.90 -8.09 21.86
CA THR A 69 -12.51 -8.49 22.01
C THR A 69 -12.34 -9.75 22.87
N LYS A 70 -13.42 -10.47 23.18
CA LYS A 70 -13.29 -11.59 24.10
C LYS A 70 -12.48 -12.73 23.50
N LYS A 71 -12.70 -13.07 22.22
CA LYS A 71 -11.84 -14.07 21.61
C LYS A 71 -10.38 -13.62 21.62
N LEU A 72 -10.14 -12.31 21.51
CA LEU A 72 -8.76 -11.83 21.46
C LEU A 72 -8.07 -11.96 22.81
N THR A 73 -8.71 -11.48 23.89
CA THR A 73 -8.10 -11.62 25.21
C THR A 73 -7.95 -13.08 25.61
N LYS A 74 -8.97 -13.91 25.34
CA LYS A 74 -8.82 -15.33 25.62
C LYS A 74 -7.62 -15.92 24.88
N SER A 75 -7.35 -15.48 23.64
CA SER A 75 -6.29 -16.11 22.85
C SER A 75 -4.90 -15.86 23.43
N PHE A 76 -4.64 -14.71 24.06
CA PHE A 76 -3.33 -14.57 24.72
C PHE A 76 -3.41 -14.73 26.24
N GLY A 77 -4.58 -15.03 26.79
CA GLY A 77 -4.70 -15.44 28.17
C GLY A 77 -4.89 -14.33 29.19
N TRP A 78 -5.12 -13.08 28.75
CA TRP A 78 -5.32 -11.97 29.69
C TRP A 78 -6.82 -11.80 29.93
N GLU A 79 -7.38 -12.67 30.77
CA GLU A 79 -8.82 -12.73 30.95
C GLU A 79 -9.31 -12.06 32.23
N THR A 80 -8.41 -11.56 33.09
CA THR A 80 -8.78 -10.90 34.33
C THR A 80 -8.14 -9.52 34.37
N LEU A 81 -8.66 -8.68 35.27
CA LEU A 81 -8.03 -7.39 35.53
C LEU A 81 -6.61 -7.56 36.04
N ASP A 82 -6.33 -8.64 36.77
CA ASP A 82 -4.99 -8.87 37.27
C ASP A 82 -3.97 -8.93 36.14
N SER A 83 -4.32 -9.56 35.02
CA SER A 83 -3.37 -9.60 33.90
C SER A 83 -2.99 -8.21 33.42
N PHE A 84 -3.92 -7.24 33.51
CA PHE A 84 -3.59 -5.92 33.01
C PHE A 84 -2.85 -5.10 34.05
N MET A 85 -3.08 -5.38 35.33
CA MET A 85 -2.38 -4.66 36.38
C MET A 85 -0.94 -5.12 36.53
N GLN A 86 -0.58 -6.26 35.93
CA GLN A 86 0.77 -6.78 36.00
C GLN A 86 1.67 -6.32 34.83
N HIS A 87 1.11 -5.70 33.79
CA HIS A 87 1.90 -5.33 32.62
C HIS A 87 1.74 -3.87 32.27
N ASP A 88 2.83 -3.24 31.85
CA ASP A 88 2.82 -1.96 31.18
C ASP A 88 2.22 -2.07 29.79
N VAL A 89 1.73 -0.94 29.25
CA VAL A 89 1.07 -0.96 27.96
C VAL A 89 1.97 -1.55 26.89
N GLN A 90 3.28 -1.29 26.97
CA GLN A 90 4.17 -1.77 25.92
C GLN A 90 4.38 -3.28 26.00
N GLU A 91 4.22 -3.89 27.19
CA GLU A 91 4.30 -5.34 27.26
C GLU A 91 3.15 -5.98 26.48
N LEU A 92 1.93 -5.44 26.61
CA LEU A 92 0.83 -5.90 25.77
C LEU A 92 1.13 -5.71 24.29
N CYS A 93 1.70 -4.56 23.92
CA CYS A 93 2.02 -4.33 22.53
C CYS A 93 3.01 -5.38 22.00
N ARG A 94 4.02 -5.72 22.82
CA ARG A 94 5.00 -6.73 22.41
C ARG A 94 4.37 -8.11 22.25
N VAL A 95 3.44 -8.47 23.13
CA VAL A 95 2.73 -9.74 22.98
C VAL A 95 2.00 -9.80 21.64
N LEU A 96 1.30 -8.73 21.29
CA LEU A 96 0.57 -8.71 20.04
C LEU A 96 1.51 -8.73 18.84
N LEU A 97 2.55 -7.89 18.89
CA LEU A 97 3.45 -7.75 17.75
C LEU A 97 4.32 -8.99 17.56
N ASP A 98 4.84 -9.57 18.65
CA ASP A 98 5.72 -10.74 18.51
C ASP A 98 4.97 -11.90 17.88
N ASN A 99 3.76 -12.17 18.36
CA ASN A 99 2.92 -13.20 17.77
C ASN A 99 2.76 -13.01 16.27
N VAL A 100 2.45 -11.79 15.84
CA VAL A 100 2.22 -11.59 14.41
C VAL A 100 3.54 -11.62 13.64
N GLU A 101 4.64 -11.19 14.26
CA GLU A 101 5.92 -11.29 13.58
C GLU A 101 6.34 -12.75 13.37
N ASN A 102 6.18 -13.58 14.41
CA ASN A 102 6.54 -14.98 14.24
C ASN A 102 5.65 -15.64 13.19
N LYS A 103 4.35 -15.32 13.20
CA LYS A 103 3.46 -15.93 12.21
C LYS A 103 3.81 -15.51 10.79
N MET A 104 4.50 -14.37 10.60
CA MET A 104 4.90 -13.89 9.27
C MET A 104 6.22 -14.47 8.79
N LYS A 105 7.00 -15.11 9.68
CA LYS A 105 8.26 -15.72 9.26
C LYS A 105 8.03 -16.69 8.12
N GLY A 106 8.96 -16.69 7.15
CA GLY A 106 8.85 -17.54 5.98
C GLY A 106 7.83 -17.12 4.95
N THR A 107 7.25 -15.93 5.06
CA THR A 107 6.18 -15.48 4.18
C THR A 107 6.58 -14.22 3.41
N CYS A 108 5.69 -13.84 2.48
CA CYS A 108 5.81 -12.59 1.74
C CYS A 108 6.06 -11.40 2.68
N VAL A 109 5.41 -11.35 3.83
CA VAL A 109 5.53 -10.16 4.67
C VAL A 109 6.43 -10.36 5.89
N GLU A 110 7.40 -11.27 5.81
CA GLU A 110 8.35 -11.41 6.90
C GLU A 110 9.10 -10.09 7.10
N GLY A 111 9.37 -9.76 8.36
CA GLY A 111 10.05 -8.53 8.69
C GLY A 111 9.19 -7.28 8.75
N THR A 112 7.87 -7.40 8.59
CA THR A 112 7.01 -6.22 8.68
C THR A 112 7.16 -5.51 10.01
N ILE A 113 7.23 -6.26 11.11
CA ILE A 113 7.21 -5.59 12.42
C ILE A 113 8.51 -4.85 12.70
N PRO A 114 9.69 -5.42 12.42
CA PRO A 114 10.93 -4.63 12.60
C PRO A 114 10.97 -3.41 11.70
N LYS A 115 10.77 -3.59 10.39
CA LYS A 115 10.62 -2.49 9.45
C LYS A 115 9.86 -1.32 10.06
N LEU A 116 8.75 -1.60 10.74
CA LEU A 116 7.84 -0.55 11.19
C LEU A 116 8.23 0.05 12.53
N PHE A 117 8.64 -0.77 13.49
CA PHE A 117 8.74 -0.35 14.88
C PHE A 117 10.14 -0.41 15.48
N ARG A 118 11.13 -0.95 14.78
CA ARG A 118 12.41 -1.27 15.42
C ARG A 118 13.45 -0.20 15.10
N GLY A 119 14.06 0.36 16.15
CA GLY A 119 15.18 1.26 16.00
C GLY A 119 16.45 0.66 16.60
N LYS A 120 17.55 1.35 16.37
CA LYS A 120 18.88 0.88 16.79
C LYS A 120 19.49 1.90 17.73
N MET A 121 19.97 1.44 18.90
CA MET A 121 20.74 2.26 19.81
C MET A 121 22.03 1.56 20.22
N VAL A 122 22.94 2.34 20.82
CA VAL A 122 24.21 1.84 21.34
C VAL A 122 24.36 2.37 22.76
N SER A 123 24.61 1.47 23.70
CA SER A 123 24.90 1.82 25.08
C SER A 123 26.39 1.57 25.36
N TYR A 124 26.99 2.44 26.17
CA TYR A 124 28.44 2.44 26.29
C TYR A 124 28.85 2.79 27.71
N ILE A 125 29.99 2.25 28.12
CA ILE A 125 30.73 2.66 29.31
C ILE A 125 32.13 3.04 28.84
N GLN A 126 32.59 4.23 29.24
CA GLN A 126 33.87 4.77 28.78
C GLN A 126 34.72 5.14 29.99
N CYS A 127 35.84 4.45 30.18
CA CYS A 127 36.75 4.85 31.24
C CYS A 127 37.42 6.17 30.90
N LYS A 128 37.59 7.01 31.91
CA LYS A 128 38.17 8.34 31.72
C LYS A 128 39.69 8.34 31.78
N GLU A 129 40.30 7.58 32.70
CA GLU A 129 41.75 7.61 32.92
C GLU A 129 42.48 6.41 32.33
N VAL A 130 41.78 5.51 31.64
CA VAL A 130 42.39 4.34 31.01
C VAL A 130 41.65 4.06 29.71
N ASP A 131 42.35 3.42 28.76
CA ASP A 131 41.80 3.21 27.42
C ASP A 131 41.00 1.92 27.41
N TYR A 132 39.79 2.00 27.95
CA TYR A 132 38.89 0.86 27.92
C TYR A 132 37.46 1.36 27.72
N ARG A 133 36.75 0.67 26.83
CA ARG A 133 35.39 1.02 26.45
C ARG A 133 34.62 -0.25 26.15
N SER A 134 33.35 -0.30 26.54
CA SER A 134 32.44 -1.39 26.18
C SER A 134 31.21 -0.80 25.51
N ASP A 135 30.94 -1.25 24.29
CA ASP A 135 29.76 -0.84 23.53
C ASP A 135 28.80 -2.01 23.40
N ARG A 136 27.51 -1.70 23.39
CA ARG A 136 26.49 -2.75 23.29
C ARG A 136 25.37 -2.27 22.38
N ARG A 137 25.32 -2.80 21.17
CA ARG A 137 24.22 -2.50 20.28
C ARG A 137 22.97 -3.25 20.75
N GLU A 138 21.83 -2.54 20.73
CA GLU A 138 20.54 -3.12 21.10
C GLU A 138 19.47 -2.65 20.14
N ASP A 139 18.55 -3.55 19.81
CA ASP A 139 17.32 -3.17 19.14
C ASP A 139 16.34 -2.63 20.17
N TYR A 140 15.42 -1.78 19.70
CA TYR A 140 14.31 -1.30 20.53
C TYR A 140 13.08 -1.09 19.66
N TYR A 141 11.90 -1.39 20.24
CA TYR A 141 10.61 -1.22 19.58
C TYR A 141 9.77 -0.15 20.23
N ASP A 142 10.30 0.49 21.26
CA ASP A 142 9.57 1.46 22.04
C ASP A 142 10.58 2.10 23.00
N ILE A 143 10.20 3.23 23.56
CA ILE A 143 11.07 4.05 24.38
C ILE A 143 10.29 4.53 25.58
N GLN A 144 10.82 4.32 26.77
CA GLN A 144 10.24 4.80 28.01
C GLN A 144 10.89 6.13 28.38
N LEU A 145 10.13 7.23 28.27
CA LEU A 145 10.66 8.57 28.58
C LEU A 145 10.34 8.96 30.02
N SER A 146 11.37 9.43 30.73
CA SER A 146 11.18 10.02 32.04
C SER A 146 10.47 11.37 31.91
N ILE A 147 9.52 11.63 32.80
CA ILE A 147 8.82 12.92 32.80
C ILE A 147 9.01 13.68 34.11
N LYS A 148 9.29 13.00 35.22
CA LYS A 148 9.38 13.67 36.50
C LYS A 148 10.46 14.76 36.49
N GLY A 149 10.05 16.01 36.68
CA GLY A 149 11.00 17.11 36.58
C GLY A 149 11.36 17.50 35.17
N LYS A 150 10.56 17.08 34.18
CA LYS A 150 10.76 17.41 32.79
C LYS A 150 9.54 18.15 32.28
N LYS A 151 9.79 19.24 31.53
CA LYS A 151 8.70 20.08 31.05
C LYS A 151 8.05 19.53 29.78
N ASN A 152 8.82 18.87 28.92
CA ASN A 152 8.34 18.49 27.60
C ASN A 152 9.21 17.38 27.04
N ILE A 153 8.78 16.85 25.88
CA ILE A 153 9.45 15.73 25.22
C ILE A 153 10.93 16.04 25.01
N PHE A 154 11.26 17.29 24.66
CA PHE A 154 12.64 17.62 24.34
C PHE A 154 13.56 17.40 25.52
N GLU A 155 13.16 17.89 26.70
CA GLU A 155 13.97 17.68 27.89
C GLU A 155 14.07 16.20 28.25
N SER A 156 13.04 15.41 27.94
CA SER A 156 13.08 13.98 28.18
C SER A 156 14.11 13.28 27.28
N PHE A 157 14.18 13.68 26.01
CA PHE A 157 15.19 13.10 25.14
C PHE A 157 16.58 13.55 25.55
N VAL A 158 16.74 14.84 25.90
CA VAL A 158 18.02 15.30 26.43
C VAL A 158 18.43 14.43 27.61
N ASP A 159 17.47 14.15 28.51
CA ASP A 159 17.78 13.32 29.67
C ASP A 159 18.10 11.89 29.26
N TYR A 160 17.38 11.37 28.26
CA TYR A 160 17.57 9.99 27.83
C TYR A 160 19.01 9.73 27.41
N VAL A 161 19.63 10.67 26.70
CA VAL A 161 20.98 10.50 26.17
C VAL A 161 22.03 11.17 27.05
N ALA A 162 21.67 11.56 28.27
CA ALA A 162 22.64 12.28 29.08
C ALA A 162 23.75 11.35 29.53
N VAL A 163 24.90 11.94 29.80
CA VAL A 163 26.06 11.18 30.23
C VAL A 163 26.00 11.05 31.75
N GLU A 164 26.01 9.80 32.23
CA GLU A 164 26.08 9.51 33.66
C GLU A 164 27.55 9.34 34.06
N GLN A 165 27.96 10.00 35.14
CA GLN A 165 29.31 9.88 35.67
C GLN A 165 29.35 8.77 36.73
N LEU A 166 30.24 7.79 36.53
CA LEU A 166 30.47 6.72 37.50
C LEU A 166 31.75 7.05 38.25
N ASP A 167 31.61 7.57 39.47
CA ASP A 167 32.78 8.01 40.23
C ASP A 167 32.49 7.82 41.73
N GLY A 168 33.45 8.25 42.54
CA GLY A 168 33.28 8.16 43.99
C GLY A 168 33.05 6.74 44.42
N ASP A 169 32.03 6.54 45.25
CA ASP A 169 31.66 5.20 45.68
C ASP A 169 30.92 4.42 44.59
N ASN A 170 30.94 4.92 43.36
CA ASN A 170 30.26 4.30 42.23
C ASN A 170 31.18 4.19 41.02
N LYS A 171 32.43 3.80 41.23
CA LYS A 171 33.34 3.60 40.10
C LYS A 171 33.00 2.31 39.36
N TYR A 172 33.15 2.35 38.04
CA TYR A 172 32.98 1.18 37.20
C TYR A 172 34.09 0.17 37.46
N ASP A 173 33.70 -1.10 37.55
CA ASP A 173 34.64 -2.23 37.66
C ASP A 173 35.22 -2.47 36.27
N ALA A 174 36.45 -2.00 36.06
CA ALA A 174 37.12 -2.13 34.77
C ALA A 174 38.04 -3.34 34.69
N GLY A 175 37.70 -4.41 35.41
CA GLY A 175 38.39 -5.68 35.28
C GLY A 175 39.85 -5.62 35.64
N GLU A 176 40.72 -5.80 34.65
CA GLU A 176 42.16 -5.72 34.88
C GLU A 176 42.58 -4.35 35.39
N HIS A 177 41.85 -3.29 35.01
CA HIS A 177 42.24 -1.95 35.43
C HIS A 177 41.75 -1.60 36.82
N GLY A 178 41.05 -2.51 37.48
CA GLY A 178 40.47 -2.21 38.77
C GLY A 178 39.31 -1.24 38.63
N LEU A 179 38.92 -0.67 39.78
CA LEU A 179 37.88 0.35 39.77
C LEU A 179 38.36 1.58 39.00
N GLN A 180 37.46 2.16 38.21
CA GLN A 180 37.83 3.27 37.33
C GLN A 180 36.71 4.29 37.26
N GLU A 181 37.10 5.57 37.18
CA GLU A 181 36.14 6.62 36.85
C GLU A 181 35.67 6.41 35.42
N ALA A 182 34.37 6.53 35.22
CA ALA A 182 33.84 6.31 33.88
C ALA A 182 32.54 7.09 33.71
N GLU A 183 32.15 7.24 32.46
CA GLU A 183 30.84 7.75 32.12
C GLU A 183 30.17 6.74 31.20
N LYS A 184 28.87 6.57 31.39
CA LYS A 184 28.08 5.66 30.57
C LYS A 184 26.87 6.41 30.03
N GLY A 185 26.44 6.04 28.84
CA GLY A 185 25.26 6.64 28.27
C GLY A 185 24.70 5.80 27.15
N VAL A 186 23.72 6.37 26.44
CA VAL A 186 23.09 5.75 25.29
C VAL A 186 23.05 6.74 24.13
N LYS A 187 23.21 6.23 22.93
CA LYS A 187 23.07 7.01 21.71
C LYS A 187 22.08 6.31 20.79
N PHE A 188 21.23 7.10 20.14
CA PHE A 188 20.39 6.58 19.07
C PHE A 188 21.18 6.45 17.77
N LEU A 189 21.13 5.28 17.16
CA LEU A 189 21.66 5.13 15.81
C LEU A 189 20.58 5.34 14.75
N THR A 190 19.38 4.79 14.96
CA THR A 190 18.28 4.94 14.03
C THR A 190 16.98 5.04 14.81
N LEU A 191 15.99 5.69 14.21
CA LEU A 191 14.64 5.81 14.71
C LEU A 191 13.67 5.16 13.73
N PRO A 192 12.69 4.41 14.21
CA PRO A 192 11.82 3.66 13.30
C PRO A 192 10.77 4.55 12.67
N PRO A 193 10.18 4.13 11.54
CA PRO A 193 9.08 4.90 10.95
C PRO A 193 7.96 5.17 11.94
N VAL A 194 7.63 4.19 12.77
CA VAL A 194 6.56 4.30 13.76
C VAL A 194 7.20 4.26 15.12
N LEU A 195 7.12 5.37 15.84
CA LEU A 195 7.83 5.57 17.08
C LEU A 195 6.84 5.50 18.24
N HIS A 196 7.00 4.49 19.09
CA HIS A 196 6.15 4.33 20.27
C HIS A 196 6.88 4.87 21.48
N LEU A 197 6.32 5.92 22.08
CA LEU A 197 6.88 6.56 23.25
C LEU A 197 5.95 6.35 24.44
N GLN A 198 6.45 5.68 25.47
CA GLN A 198 5.73 5.63 26.73
C GLN A 198 6.24 6.73 27.66
N LEU A 199 5.31 7.35 28.37
CA LEU A 199 5.63 8.35 29.38
C LEU A 199 5.59 7.71 30.75
N MET A 200 6.65 7.89 31.53
CA MET A 200 6.83 7.17 32.80
C MET A 200 6.06 7.87 33.92
N ARG A 201 4.73 7.87 33.78
CA ARG A 201 3.92 8.54 34.80
C ARG A 201 3.64 7.67 36.02
N PHE A 202 3.80 6.35 35.91
CA PHE A 202 3.53 5.43 37.01
C PHE A 202 4.86 5.10 37.68
N MET A 203 5.21 5.88 38.69
CA MET A 203 6.51 5.81 39.35
C MET A 203 6.39 5.20 40.73
N TYR A 204 7.38 4.39 41.10
CA TYR A 204 7.41 3.82 42.45
C TYR A 204 7.68 4.92 43.46
N ASP A 205 6.83 4.99 44.50
CA ASP A 205 6.99 5.99 45.55
C ASP A 205 7.60 5.36 46.78
N PRO A 206 8.78 5.80 47.22
CA PRO A 206 9.46 5.10 48.34
C PRO A 206 8.59 4.98 49.59
N GLN A 207 7.95 6.07 50.03
CA GLN A 207 7.13 6.07 51.23
C GLN A 207 6.06 4.98 51.19
N THR A 208 4.94 5.24 50.50
CA THR A 208 3.83 4.31 50.49
C THR A 208 4.20 2.92 49.99
N ASP A 209 5.44 2.72 49.52
CA ASP A 209 5.84 1.46 48.92
C ASP A 209 4.78 0.98 47.94
N GLN A 210 4.78 1.56 46.74
CA GLN A 210 3.61 1.52 45.88
C GLN A 210 3.95 2.29 44.61
N ASN A 211 3.35 1.92 43.49
CA ASN A 211 3.37 2.79 42.33
C ASN A 211 2.27 3.83 42.46
N ILE A 212 2.59 5.06 42.07
CA ILE A 212 1.64 6.17 42.12
C ILE A 212 1.70 6.89 40.78
N LYS A 213 0.53 7.25 40.25
CA LYS A 213 0.50 8.01 39.01
C LYS A 213 0.91 9.46 39.25
N ILE A 214 1.78 9.98 38.38
CA ILE A 214 2.25 11.36 38.43
C ILE A 214 1.43 12.16 37.41
N ASN A 215 0.78 13.23 37.87
CA ASN A 215 -0.03 14.05 36.98
C ASN A 215 0.66 15.35 36.57
N ASP A 216 1.95 15.46 36.85
CA ASP A 216 2.74 16.60 36.40
C ASP A 216 2.48 16.94 34.94
N ARG A 217 2.39 18.25 34.67
CA ARG A 217 2.32 18.72 33.30
C ARG A 217 3.57 18.28 32.54
N PHE A 218 3.35 17.82 31.31
CA PHE A 218 4.42 17.34 30.43
C PHE A 218 3.97 17.57 29.01
N GLU A 219 4.67 18.46 28.30
CA GLU A 219 4.23 18.91 26.99
C GLU A 219 4.88 18.09 25.88
N PHE A 220 4.13 17.87 24.81
CA PHE A 220 4.66 17.13 23.67
C PHE A 220 4.11 17.78 22.42
N PRO A 221 4.88 17.84 21.35
CA PRO A 221 4.48 18.67 20.20
C PRO A 221 3.86 17.85 19.07
N GLU A 222 3.10 18.54 18.21
CA GLU A 222 2.53 17.87 17.05
C GLU A 222 3.62 17.50 16.04
N GLN A 223 4.67 18.31 15.93
CA GLN A 223 5.83 18.04 15.09
C GLN A 223 7.04 17.88 15.98
N LEU A 224 7.76 16.75 15.84
CA LEU A 224 8.87 16.39 16.72
C LEU A 224 10.14 16.18 15.92
N PRO A 225 11.05 17.17 15.88
CA PRO A 225 12.36 16.96 15.23
C PRO A 225 13.32 16.26 16.17
N LEU A 226 13.81 15.09 15.78
CA LEU A 226 14.67 14.29 16.64
C LEU A 226 16.10 14.18 16.11
N ASP A 227 16.44 14.94 15.06
CA ASP A 227 17.75 14.80 14.44
C ASP A 227 18.88 15.03 15.44
N GLU A 228 18.69 15.97 16.36
CA GLU A 228 19.70 16.26 17.38
C GLU A 228 20.18 15.00 18.08
N PHE A 229 19.26 14.06 18.33
CA PHE A 229 19.53 12.92 19.18
C PHE A 229 20.08 11.73 18.42
N LEU A 230 20.36 11.88 17.14
CA LEU A 230 21.00 10.83 16.36
C LEU A 230 22.51 11.01 16.37
N GLN A 231 23.25 9.90 16.40
CA GLN A 231 24.70 9.99 16.26
C GLN A 231 25.09 10.62 14.93
N LYS A 232 24.44 10.18 13.85
CA LYS A 232 24.69 10.67 12.51
C LYS A 232 23.35 10.92 11.83
N THR A 233 23.14 12.14 11.36
CA THR A 233 21.92 12.49 10.65
C THR A 233 22.05 12.15 9.17
N ASP A 234 20.92 12.22 8.47
CA ASP A 234 20.90 12.04 7.01
C ASP A 234 20.19 13.22 6.38
N PRO A 235 20.88 14.06 5.61
CA PRO A 235 20.22 15.24 5.01
C PRO A 235 19.08 14.87 4.07
N LYS A 236 19.10 13.66 3.50
CA LYS A 236 18.04 13.25 2.58
C LYS A 236 16.79 12.73 3.28
N ASP A 237 16.85 12.49 4.58
CA ASP A 237 15.71 11.99 5.36
C ASP A 237 15.86 12.44 6.81
N PRO A 238 15.44 13.66 7.12
CA PRO A 238 15.55 14.15 8.49
C PRO A 238 14.63 13.38 9.43
N ALA A 239 15.01 13.34 10.69
CA ALA A 239 14.24 12.56 11.67
C ALA A 239 13.13 13.42 12.29
N ASN A 240 12.26 13.93 11.43
CA ASN A 240 11.10 14.71 11.84
C ASN A 240 9.88 13.82 11.94
N TYR A 241 9.17 13.90 13.06
CA TYR A 241 8.06 13.00 13.37
C TYR A 241 6.76 13.78 13.52
N ILE A 242 5.67 13.13 13.11
CA ILE A 242 4.32 13.68 13.17
C ILE A 242 3.50 12.87 14.19
N LEU A 243 2.81 13.58 15.08
CA LEU A 243 2.04 12.93 16.13
C LEU A 243 0.80 12.26 15.55
N HIS A 244 0.65 10.96 15.82
CA HIS A 244 -0.45 10.15 15.32
C HIS A 244 -1.48 9.80 16.38
N ALA A 245 -1.04 9.43 17.58
CA ALA A 245 -1.95 8.97 18.60
C ALA A 245 -1.43 9.40 19.96
N VAL A 246 -2.39 9.60 20.86
CA VAL A 246 -2.16 10.06 22.22
C VAL A 246 -3.05 9.19 23.10
N LEU A 247 -2.44 8.31 23.89
CA LEU A 247 -3.19 7.42 24.77
C LEU A 247 -3.28 8.05 26.16
N VAL A 248 -4.50 8.16 26.68
CA VAL A 248 -4.72 8.99 27.85
C VAL A 248 -5.50 8.21 28.91
N HIS A 249 -5.35 8.67 30.16
CA HIS A 249 -5.91 8.06 31.34
C HIS A 249 -6.23 9.17 32.35
N SER A 250 -7.39 9.10 32.98
CA SER A 250 -7.69 9.87 34.18
C SER A 250 -7.94 8.94 35.35
N GLY A 251 -7.81 9.46 36.55
CA GLY A 251 -7.88 8.64 37.75
C GLY A 251 -6.49 8.24 38.23
N ASP A 252 -6.47 7.49 39.32
CA ASP A 252 -5.20 7.15 39.96
C ASP A 252 -4.98 5.64 40.09
N ASN A 253 -5.73 4.82 39.36
CA ASN A 253 -5.55 3.37 39.40
C ASN A 253 -6.16 2.79 38.14
N HIS A 254 -6.03 1.46 37.98
CA HIS A 254 -6.50 0.79 36.78
C HIS A 254 -8.01 0.82 36.60
N GLY A 255 -8.77 1.17 37.65
CA GLY A 255 -10.18 1.46 37.52
C GLY A 255 -10.53 2.81 36.93
N GLY A 256 -9.53 3.54 36.42
CA GLY A 256 -9.75 4.84 35.84
C GLY A 256 -10.33 4.75 34.44
N HIS A 257 -10.21 5.85 33.71
CA HIS A 257 -10.80 6.04 32.40
C HIS A 257 -9.70 6.07 31.34
N TYR A 258 -9.81 5.19 30.34
CA TYR A 258 -8.83 5.05 29.27
C TYR A 258 -9.43 5.48 27.95
N VAL A 259 -8.73 6.36 27.24
CA VAL A 259 -9.20 6.92 25.99
C VAL A 259 -8.02 7.05 25.05
N VAL A 260 -8.26 7.02 23.74
CA VAL A 260 -7.18 7.31 22.81
C VAL A 260 -7.64 8.33 21.78
N TYR A 261 -6.75 9.26 21.44
CA TYR A 261 -6.98 10.26 20.41
C TYR A 261 -6.12 9.95 19.20
N LEU A 262 -6.73 10.01 18.01
CA LEU A 262 -6.03 9.72 16.77
C LEU A 262 -6.39 10.75 15.72
N ASN A 263 -5.46 11.01 14.82
CA ASN A 263 -5.78 11.58 13.51
C ASN A 263 -5.35 10.51 12.51
N PRO A 264 -6.25 9.58 12.18
CA PRO A 264 -5.84 8.35 11.49
C PRO A 264 -5.18 8.56 10.15
N LYS A 265 -5.54 9.62 9.41
CA LYS A 265 -4.90 9.90 8.13
C LYS A 265 -3.64 10.73 8.26
N GLY A 266 -3.29 11.19 9.46
CA GLY A 266 -2.11 12.01 9.64
C GLY A 266 -2.25 13.43 9.17
N ASP A 267 -3.48 13.89 8.96
CA ASP A 267 -3.73 15.22 8.41
C ASP A 267 -4.17 16.22 9.48
N GLY A 268 -4.04 15.87 10.75
CA GLY A 268 -4.47 16.75 11.83
C GLY A 268 -5.96 16.80 12.08
N LYS A 269 -6.74 15.89 11.53
CA LYS A 269 -8.17 15.80 11.82
C LYS A 269 -8.36 14.69 12.84
N TRP A 270 -8.60 15.08 14.08
CA TRP A 270 -8.55 14.18 15.22
C TRP A 270 -9.92 13.64 15.60
N CYS A 271 -9.92 12.40 16.10
CA CYS A 271 -11.07 11.75 16.69
C CYS A 271 -10.70 11.22 18.07
N LYS A 272 -11.71 11.11 18.92
CA LYS A 272 -11.59 10.54 20.25
C LYS A 272 -12.28 9.17 20.27
N PHE A 273 -11.54 8.17 20.70
CA PHE A 273 -12.02 6.79 20.73
C PHE A 273 -12.24 6.43 22.19
N ASP A 274 -13.50 6.39 22.59
CA ASP A 274 -13.92 6.17 23.97
C ASP A 274 -14.72 4.87 23.97
N ASP A 275 -14.00 3.75 23.92
CA ASP A 275 -14.59 2.44 23.70
C ASP A 275 -15.55 2.44 22.53
N ASP A 276 -16.86 2.38 22.79
CA ASP A 276 -17.84 2.24 21.73
C ASP A 276 -18.16 3.56 21.03
N VAL A 277 -17.80 4.70 21.63
CA VAL A 277 -18.15 6.02 21.09
C VAL A 277 -16.92 6.65 20.46
N VAL A 278 -16.96 6.87 19.15
CA VAL A 278 -15.93 7.59 18.39
C VAL A 278 -16.53 8.91 17.93
N SER A 279 -15.81 10.01 18.13
CA SER A 279 -16.34 11.32 17.77
C SER A 279 -15.24 12.29 17.31
N ARG A 280 -15.59 13.20 16.40
CA ARG A 280 -14.66 14.25 16.02
C ARG A 280 -14.37 15.16 17.22
N CYS A 281 -13.13 15.63 17.31
CA CYS A 281 -12.72 16.51 18.39
C CYS A 281 -11.64 17.45 17.85
N THR A 282 -11.36 18.51 18.63
CA THR A 282 -10.39 19.51 18.22
C THR A 282 -8.97 19.00 18.43
N LYS A 283 -8.04 19.58 17.67
CA LYS A 283 -6.64 19.28 17.89
C LYS A 283 -6.23 19.59 19.33
N GLU A 284 -6.70 20.74 19.85
CA GLU A 284 -6.38 21.14 21.22
C GLU A 284 -6.78 20.06 22.23
N GLU A 285 -8.01 19.54 22.12
CA GLU A 285 -8.43 18.52 23.06
C GLU A 285 -7.52 17.29 22.98
N ALA A 286 -7.08 16.93 21.78
CA ALA A 286 -6.25 15.75 21.60
C ALA A 286 -4.82 15.95 22.06
N ILE A 287 -4.31 17.18 21.99
CA ILE A 287 -2.90 17.44 22.27
C ILE A 287 -2.73 18.18 23.59
N GLU A 288 -2.84 19.52 23.57
CA GLU A 288 -2.47 20.32 24.75
C GLU A 288 -3.32 19.97 25.96
N HIS A 289 -4.58 19.58 25.76
CA HIS A 289 -5.43 19.25 26.88
C HIS A 289 -5.11 17.89 27.47
N ASN A 290 -4.17 17.14 26.90
CA ASN A 290 -3.66 15.95 27.55
C ASN A 290 -2.28 16.17 28.17
N TYR A 291 -1.88 17.43 28.34
CA TYR A 291 -0.58 17.74 28.92
C TYR A 291 -0.52 17.46 30.41
N GLY A 292 -1.67 17.43 31.09
CA GLY A 292 -1.66 17.30 32.53
C GLY A 292 -1.38 18.62 33.22
N GLY A 293 -1.09 18.53 34.51
CA GLY A 293 -0.80 19.72 35.30
C GLY A 293 -0.77 19.46 36.78
N HIS A 302 -8.00 14.95 37.86
CA HIS A 302 -9.37 15.14 37.39
C HIS A 302 -9.48 14.85 35.89
N CYS A 303 -8.58 15.45 35.12
CA CYS A 303 -8.59 15.35 33.66
C CYS A 303 -7.62 14.26 33.19
N THR A 304 -7.85 13.81 31.96
CA THR A 304 -6.96 12.83 31.37
C THR A 304 -5.66 13.49 30.93
N ASN A 305 -4.57 12.75 31.08
CA ASN A 305 -3.29 13.14 30.50
C ASN A 305 -2.68 11.96 29.75
N ALA A 306 -1.65 12.26 28.95
CA ALA A 306 -1.02 11.29 28.08
C ALA A 306 -0.10 10.36 28.84
N TYR A 307 -0.22 9.04 28.59
CA TYR A 307 0.81 8.09 29.00
C TYR A 307 1.50 7.41 27.83
N MET A 308 1.00 7.59 26.62
CA MET A 308 1.69 6.99 25.48
C MET A 308 1.42 7.83 24.25
N LEU A 309 2.48 8.07 23.48
CA LEU A 309 2.41 8.81 22.23
C LEU A 309 2.92 7.94 21.09
N VAL A 310 2.28 8.06 19.93
CA VAL A 310 2.75 7.42 18.71
C VAL A 310 3.05 8.51 17.68
N TYR A 311 4.31 8.61 17.26
CA TYR A 311 4.72 9.48 16.18
C TYR A 311 5.08 8.65 14.94
N ILE A 312 4.86 9.24 13.78
CA ILE A 312 5.21 8.62 12.51
C ILE A 312 6.18 9.53 11.79
N ARG A 313 7.27 8.95 11.27
CA ARG A 313 8.28 9.72 10.54
C ARG A 313 7.68 10.36 9.29
N GLU A 314 7.87 11.67 9.16
CA GLU A 314 7.21 12.43 8.11
C GLU A 314 7.48 11.85 6.73
N SER A 315 8.72 11.42 6.47
CA SER A 315 9.02 10.83 5.17
C SER A 315 8.30 9.51 4.97
N LYS A 316 7.93 8.82 6.05
CA LYS A 316 7.30 7.51 5.95
C LYS A 316 5.78 7.59 6.03
N LEU A 317 5.21 8.79 6.18
CA LEU A 317 3.81 8.91 6.57
C LEU A 317 2.89 8.32 5.51
N SER A 318 3.10 8.68 4.24
CA SER A 318 2.23 8.15 3.20
C SER A 318 2.37 6.65 3.00
N GLU A 319 3.45 6.05 3.49
CA GLU A 319 3.64 4.61 3.38
C GLU A 319 2.95 3.88 4.52
N VAL A 320 3.19 4.34 5.76
CA VAL A 320 2.58 3.73 6.93
C VAL A 320 1.06 3.86 6.86
N LEU A 321 0.57 5.04 6.47
CA LEU A 321 -0.86 5.31 6.38
C LEU A 321 -1.41 5.09 4.97
N GLN A 322 -0.87 4.13 4.24
CA GLN A 322 -1.35 3.83 2.89
C GLN A 322 -2.77 3.29 2.96
N ALA A 323 -3.49 3.44 1.85
CA ALA A 323 -4.86 2.97 1.80
C ALA A 323 -4.90 1.47 2.01
N VAL A 324 -5.76 1.02 2.91
CA VAL A 324 -6.04 -0.39 3.05
C VAL A 324 -7.55 -0.57 2.91
N THR A 325 -7.95 -1.44 2.00
CA THR A 325 -9.34 -1.61 1.62
C THR A 325 -9.73 -3.08 1.73
N ASP A 326 -10.99 -3.35 1.43
CA ASP A 326 -11.52 -4.71 1.56
C ASP A 326 -10.89 -5.66 0.56
N HIS A 327 -10.26 -5.13 -0.48
CA HIS A 327 -9.55 -5.97 -1.42
C HIS A 327 -8.14 -6.32 -0.95
N ASP A 328 -7.74 -5.85 0.22
CA ASP A 328 -6.51 -6.29 0.86
C ASP A 328 -6.73 -7.43 1.84
N ILE A 329 -7.94 -7.99 1.89
CA ILE A 329 -8.24 -9.14 2.73
C ILE A 329 -8.41 -10.35 1.83
N PRO A 330 -7.61 -11.40 1.98
CA PRO A 330 -7.78 -12.60 1.16
C PRO A 330 -9.19 -13.15 1.26
N GLN A 331 -9.71 -13.64 0.14
CA GLN A 331 -11.08 -14.17 0.12
C GLN A 331 -11.23 -15.38 1.06
N GLN A 332 -10.21 -16.23 1.13
CA GLN A 332 -10.25 -17.33 2.10
C GLN A 332 -10.45 -16.79 3.52
N LEU A 333 -9.78 -15.69 3.85
CA LEU A 333 -9.88 -15.14 5.19
C LEU A 333 -11.24 -14.50 5.44
N VAL A 334 -11.79 -13.81 4.45
CA VAL A 334 -13.09 -13.18 4.63
C VAL A 334 -14.16 -14.22 4.90
N GLU A 335 -14.16 -15.31 4.13
CA GLU A 335 -15.17 -16.34 4.35
C GLU A 335 -15.01 -17.02 5.69
N ARG A 336 -13.78 -17.16 6.20
CA ARG A 336 -13.64 -17.77 7.52
C ARG A 336 -14.22 -16.87 8.60
N LEU A 337 -13.95 -15.56 8.50
CA LEU A 337 -14.50 -14.62 9.45
C LEU A 337 -16.01 -14.49 9.29
N GLN A 338 -16.51 -14.48 8.06
CA GLN A 338 -17.96 -14.35 7.85
C GLN A 338 -18.69 -15.59 8.39
N GLU A 339 -18.17 -16.79 8.08
CA GLU A 339 -18.75 -17.99 8.63
C GLU A 339 -18.75 -17.97 10.15
N GLU A 340 -17.86 -17.21 10.77
CA GLU A 340 -17.79 -17.15 12.22
C GLU A 340 -18.83 -16.19 12.80
N LYS A 341 -18.93 -14.99 12.23
CA LYS A 341 -19.98 -14.06 12.62
C LYS A 341 -21.36 -14.71 12.51
N ARG A 342 -21.57 -15.55 11.49
CA ARG A 342 -22.87 -16.20 11.34
C ARG A 342 -23.13 -17.17 12.49
N ILE A 343 -22.09 -17.90 12.92
CA ILE A 343 -22.26 -18.80 14.04
C ILE A 343 -22.51 -18.02 15.32
N GLU A 344 -21.79 -16.91 15.50
CA GLU A 344 -22.05 -16.03 16.63
C GLU A 344 -23.48 -15.49 16.60
N ALA A 345 -23.91 -14.99 15.44
CA ALA A 345 -25.27 -14.49 15.29
C ALA A 345 -26.32 -15.56 15.60
N GLN A 346 -26.03 -16.82 15.29
CA GLN A 346 -26.95 -17.86 15.75
C GLN A 346 -26.86 -18.09 17.25
N LYS A 347 -26.00 -17.35 17.96
CA LYS A 347 -25.81 -17.50 19.41
C LYS A 347 -25.05 -18.78 19.73
N LYS B 2 17.63 10.23 -14.70
CA LYS B 2 17.05 10.14 -13.35
C LYS B 2 16.99 11.51 -12.67
N HIS B 3 17.07 12.58 -13.47
CA HIS B 3 16.82 13.94 -13.02
C HIS B 3 15.33 14.24 -12.86
N THR B 4 14.46 13.28 -13.17
CA THR B 4 13.03 13.36 -12.93
C THR B 4 12.58 12.46 -11.78
N GLY B 5 13.50 11.79 -11.11
CA GLY B 5 13.18 10.69 -10.23
C GLY B 5 12.96 9.36 -10.91
N TYR B 6 12.83 9.34 -12.24
CA TYR B 6 12.45 8.15 -13.00
C TYR B 6 13.54 7.81 -14.01
N VAL B 7 13.72 6.52 -14.25
CA VAL B 7 14.79 6.06 -15.14
C VAL B 7 14.16 5.38 -16.34
N GLY B 8 14.92 5.35 -17.44
CA GLY B 8 14.43 4.82 -18.69
C GLY B 8 14.77 3.35 -18.91
N LEU B 9 14.35 2.87 -20.07
CA LEU B 9 14.60 1.52 -20.54
C LEU B 9 15.51 1.56 -21.75
N LYS B 10 16.52 0.69 -21.79
CA LYS B 10 17.46 0.74 -22.91
C LYS B 10 16.72 0.56 -24.22
N ASN B 11 17.32 1.05 -25.30
CA ASN B 11 16.91 0.65 -26.64
C ASN B 11 17.78 -0.54 -27.03
N GLN B 12 17.22 -1.73 -26.91
CA GLN B 12 17.89 -2.99 -27.24
C GLN B 12 17.05 -3.68 -28.30
N GLY B 13 17.51 -3.66 -29.54
CA GLY B 13 16.77 -4.23 -30.64
C GLY B 13 15.47 -3.49 -30.93
N ALA B 14 14.75 -4.02 -31.92
CA ALA B 14 13.48 -3.45 -32.36
C ALA B 14 12.36 -4.14 -31.59
N THR B 15 11.91 -3.50 -30.51
CA THR B 15 10.81 -4.01 -29.71
C THR B 15 9.61 -3.06 -29.70
N CYS B 16 9.60 -2.04 -30.56
CA CYS B 16 8.41 -1.24 -30.80
C CYS B 16 7.73 -0.78 -29.52
N TYR B 17 6.50 -1.26 -29.28
CA TYR B 17 5.65 -0.78 -28.20
C TYR B 17 6.06 -1.26 -26.81
N MET B 18 7.03 -2.16 -26.70
CA MET B 18 7.24 -2.87 -25.44
C MET B 18 7.68 -1.93 -24.31
N ASN B 19 8.69 -1.11 -24.56
CA ASN B 19 9.19 -0.23 -23.50
C ASN B 19 8.09 0.69 -22.99
N SER B 20 7.21 1.14 -23.87
CA SER B 20 6.08 1.96 -23.46
C SER B 20 5.15 1.17 -22.53
N LEU B 21 4.85 -0.08 -22.88
CA LEU B 21 3.96 -0.87 -22.03
C LEU B 21 4.60 -1.14 -20.67
N LEU B 22 5.92 -1.34 -20.64
CA LEU B 22 6.59 -1.71 -19.39
C LEU B 22 6.53 -0.56 -18.37
N GLN B 23 6.85 0.66 -18.80
CA GLN B 23 6.69 1.83 -17.94
C GLN B 23 5.26 1.94 -17.44
N THR B 24 4.30 1.74 -18.33
CA THR B 24 2.89 1.85 -17.94
C THR B 24 2.58 0.90 -16.79
N LEU B 25 2.97 -0.36 -16.95
CA LEU B 25 2.74 -1.35 -15.89
C LEU B 25 3.55 -1.02 -14.65
N PHE B 26 4.79 -0.58 -14.82
CA PHE B 26 5.63 -0.30 -13.66
C PHE B 26 5.01 0.75 -12.76
N PHE B 27 4.37 1.75 -13.37
CA PHE B 27 3.73 2.81 -12.62
C PHE B 27 2.31 2.46 -12.19
N THR B 28 1.87 1.22 -12.41
CA THR B 28 0.65 0.72 -11.79
C THR B 28 1.06 0.12 -10.46
N ASN B 29 1.19 1.00 -9.47
CA ASN B 29 1.97 0.69 -8.27
C ASN B 29 1.42 -0.53 -7.54
N GLN B 30 0.10 -0.64 -7.42
CA GLN B 30 -0.47 -1.79 -6.71
C GLN B 30 -0.05 -3.09 -7.40
N LEU B 31 -0.07 -3.09 -8.72
CA LEU B 31 0.48 -4.21 -9.48
C LEU B 31 1.95 -4.46 -9.12
N ARG B 32 2.77 -3.42 -9.28
CA ARG B 32 4.19 -3.53 -8.97
C ARG B 32 4.40 -4.16 -7.59
N LYS B 33 3.73 -3.63 -6.56
CA LYS B 33 3.86 -4.18 -5.21
C LYS B 33 3.51 -5.66 -5.15
N ALA B 34 2.43 -6.07 -5.83
CA ALA B 34 2.05 -7.47 -5.80
C ALA B 34 3.07 -8.33 -6.52
N VAL B 35 3.65 -7.80 -7.59
CA VAL B 35 4.65 -8.54 -8.36
C VAL B 35 5.87 -8.84 -7.48
N TYR B 36 6.21 -7.92 -6.58
CA TYR B 36 7.33 -8.19 -5.69
C TYR B 36 7.01 -9.31 -4.69
N MET B 37 5.73 -9.58 -4.42
CA MET B 37 5.32 -10.59 -3.45
C MET B 37 5.30 -12.00 -4.02
N MET B 38 5.43 -12.17 -5.33
CA MET B 38 5.33 -13.49 -5.93
C MET B 38 6.47 -14.37 -5.44
N PRO B 39 6.18 -15.62 -5.04
CA PRO B 39 7.25 -16.56 -4.69
C PRO B 39 7.93 -17.10 -5.93
N THR B 40 9.07 -16.51 -6.30
CA THR B 40 9.84 -16.93 -7.45
C THR B 40 11.18 -17.54 -7.05
N GLU B 41 11.46 -17.66 -5.75
CA GLU B 41 12.75 -18.18 -5.31
C GLU B 41 13.16 -19.43 -6.06
N GLY B 42 12.21 -20.35 -6.28
CA GLY B 42 12.51 -21.60 -6.95
C GLY B 42 12.43 -21.59 -8.46
N ASP B 43 12.20 -20.42 -9.07
CA ASP B 43 12.04 -20.34 -10.51
C ASP B 43 13.37 -20.32 -11.23
N ASP B 44 13.41 -20.97 -12.40
CA ASP B 44 14.54 -20.85 -13.30
C ASP B 44 14.75 -19.39 -13.68
N SER B 45 15.98 -18.89 -13.45
CA SER B 45 16.25 -17.46 -13.64
C SER B 45 16.10 -17.00 -15.09
N SER B 46 16.02 -17.92 -16.05
CA SER B 46 15.94 -17.60 -17.46
C SER B 46 14.56 -17.83 -18.05
N LYS B 47 13.89 -18.93 -17.69
CA LYS B 47 12.62 -19.29 -18.32
C LYS B 47 11.41 -18.59 -17.70
N SER B 48 11.58 -17.93 -16.56
CA SER B 48 10.47 -17.45 -15.75
C SER B 48 10.12 -16.00 -16.13
N VAL B 49 8.91 -15.78 -16.62
CA VAL B 49 8.44 -14.43 -16.95
C VAL B 49 8.18 -13.67 -15.65
N PRO B 50 7.58 -14.29 -14.64
CA PRO B 50 7.38 -13.56 -13.37
C PRO B 50 8.67 -13.00 -12.80
N LEU B 51 9.69 -13.85 -12.64
CA LEU B 51 10.97 -13.36 -12.16
C LEU B 51 11.48 -12.24 -13.03
N ALA B 52 11.39 -12.42 -14.36
CA ALA B 52 11.95 -11.44 -15.29
C ALA B 52 11.26 -10.08 -15.16
N LEU B 53 9.97 -10.10 -14.79
CA LEU B 53 9.26 -8.85 -14.54
C LEU B 53 9.66 -8.26 -13.18
N GLN B 54 9.84 -9.11 -12.15
CA GLN B 54 10.36 -8.60 -10.88
C GLN B 54 11.71 -7.92 -11.08
N ARG B 55 12.56 -8.51 -11.93
CA ARG B 55 13.88 -7.94 -12.19
C ARG B 55 13.79 -6.55 -12.82
N VAL B 56 12.98 -6.41 -13.88
CA VAL B 56 12.87 -5.14 -14.59
C VAL B 56 12.31 -4.06 -13.68
N PHE B 57 11.22 -4.41 -12.98
CA PHE B 57 10.61 -3.51 -12.01
C PHE B 57 11.63 -3.10 -10.95
N TYR B 58 12.33 -4.07 -10.35
CA TYR B 58 13.34 -3.73 -9.35
C TYR B 58 14.35 -2.77 -9.93
N GLU B 59 14.84 -3.07 -11.14
CA GLU B 59 15.80 -2.20 -11.79
C GLU B 59 15.21 -0.81 -12.05
N LEU B 60 13.96 -0.75 -12.54
CA LEU B 60 13.32 0.54 -12.76
C LEU B 60 13.17 1.32 -11.48
N GLN B 61 12.95 0.64 -10.35
CA GLN B 61 12.82 1.31 -9.06
C GLN B 61 14.17 1.67 -8.42
N HIS B 62 15.31 1.16 -8.91
CA HIS B 62 16.56 1.47 -8.19
C HIS B 62 17.67 2.01 -9.09
N SER B 63 17.80 1.50 -10.31
CA SER B 63 18.90 1.87 -11.18
C SER B 63 18.85 3.37 -11.51
N ASP B 64 20.02 4.01 -11.52
CA ASP B 64 20.11 5.36 -12.07
C ASP B 64 20.57 5.35 -13.51
N LYS B 65 20.69 4.16 -14.10
CA LYS B 65 21.05 3.99 -15.50
C LYS B 65 19.91 3.32 -16.25
N PRO B 66 19.85 3.46 -17.57
CA PRO B 66 18.80 2.79 -18.33
C PRO B 66 18.82 1.28 -18.06
N VAL B 67 17.63 0.70 -18.00
CA VAL B 67 17.41 -0.66 -17.54
C VAL B 67 17.28 -1.57 -18.76
N GLY B 68 18.00 -2.72 -18.72
CA GLY B 68 17.95 -3.67 -19.81
C GLY B 68 16.74 -4.59 -19.76
N THR B 69 16.42 -5.21 -20.90
CA THR B 69 15.27 -6.11 -20.96
C THR B 69 15.55 -7.40 -21.73
N LYS B 70 16.80 -7.72 -22.03
CA LYS B 70 17.05 -8.91 -22.83
C LYS B 70 16.52 -10.16 -22.13
N LYS B 71 16.73 -10.26 -20.81
CA LYS B 71 16.23 -11.44 -20.11
C LYS B 71 14.71 -11.50 -20.15
N LEU B 72 14.02 -10.36 -20.15
CA LEU B 72 12.56 -10.38 -20.18
C LEU B 72 12.06 -10.91 -21.53
N THR B 73 12.58 -10.36 -22.63
CA THR B 73 12.12 -10.82 -23.94
C THR B 73 12.49 -12.27 -24.17
N LYS B 74 13.60 -12.73 -23.59
CA LYS B 74 13.95 -14.13 -23.68
C LYS B 74 12.92 -14.99 -22.93
N SER B 75 12.40 -14.48 -21.81
CA SER B 75 11.55 -15.30 -20.96
C SER B 75 10.26 -15.71 -21.67
N PHE B 76 9.65 -14.79 -22.43
CA PHE B 76 8.45 -15.14 -23.19
C PHE B 76 8.72 -15.35 -24.69
N GLY B 77 9.97 -15.31 -25.13
CA GLY B 77 10.28 -15.78 -26.46
C GLY B 77 10.05 -14.81 -27.59
N TRP B 78 9.82 -13.53 -27.31
CA TRP B 78 9.76 -12.51 -28.36
C TRP B 78 11.13 -11.84 -28.43
N GLU B 79 12.03 -12.45 -29.20
CA GLU B 79 13.39 -11.97 -29.28
C GLU B 79 13.72 -11.35 -30.64
N THR B 80 12.74 -11.27 -31.52
CA THR B 80 12.91 -10.85 -32.91
C THR B 80 11.86 -9.79 -33.23
N LEU B 81 12.24 -8.81 -34.06
CA LEU B 81 11.28 -7.82 -34.52
C LEU B 81 10.02 -8.46 -35.05
N ASP B 82 10.13 -9.67 -35.61
CA ASP B 82 8.97 -10.35 -36.19
C ASP B 82 7.89 -10.60 -35.13
N SER B 83 8.28 -10.94 -33.90
CA SER B 83 7.30 -11.20 -32.86
C SER B 83 6.40 -9.99 -32.62
N PHE B 84 7.00 -8.79 -32.56
CA PHE B 84 6.22 -7.59 -32.33
C PHE B 84 5.37 -7.23 -33.55
N MET B 85 5.84 -7.55 -34.75
CA MET B 85 5.03 -7.24 -35.91
C MET B 85 3.79 -8.12 -36.00
N GLN B 86 3.74 -9.20 -35.23
CA GLN B 86 2.64 -10.17 -35.28
C GLN B 86 1.61 -10.01 -34.18
N HIS B 87 1.81 -9.11 -33.22
CA HIS B 87 0.92 -8.95 -32.08
C HIS B 87 0.54 -7.49 -31.89
N ASP B 88 -0.70 -7.24 -31.45
CA ASP B 88 -1.08 -5.95 -30.91
C ASP B 88 -0.56 -5.78 -29.49
N VAL B 89 -0.54 -4.52 -29.03
CA VAL B 89 0.07 -4.20 -27.73
C VAL B 89 -0.66 -4.93 -26.60
N GLN B 90 -1.99 -5.04 -26.67
CA GLN B 90 -2.70 -5.70 -25.58
C GLN B 90 -2.38 -7.19 -25.53
N GLU B 91 -1.96 -7.78 -26.65
CA GLU B 91 -1.53 -9.17 -26.66
C GLU B 91 -0.25 -9.37 -25.86
N LEU B 92 0.73 -8.46 -26.02
CA LEU B 92 1.88 -8.46 -25.13
C LEU B 92 1.45 -8.22 -23.69
N CYS B 93 0.57 -7.24 -23.49
CA CYS B 93 0.11 -7.00 -22.12
C CYS B 93 -0.47 -8.26 -21.51
N ARG B 94 -1.28 -9.01 -22.29
CA ARG B 94 -1.93 -10.20 -21.79
C ARG B 94 -0.91 -11.30 -21.47
N VAL B 95 0.08 -11.50 -22.34
CA VAL B 95 1.17 -12.41 -22.03
C VAL B 95 1.74 -12.10 -20.65
N LEU B 96 1.98 -10.82 -20.38
CA LEU B 96 2.65 -10.44 -19.13
C LEU B 96 1.75 -10.65 -17.93
N LEU B 97 0.51 -10.16 -17.99
CA LEU B 97 -0.39 -10.25 -16.84
C LEU B 97 -0.85 -11.69 -16.61
N ASP B 98 -1.04 -12.45 -17.69
CA ASP B 98 -1.42 -13.85 -17.53
C ASP B 98 -0.37 -14.59 -16.70
N ASN B 99 0.90 -14.47 -17.10
CA ASN B 99 1.98 -15.13 -16.38
C ASN B 99 1.96 -14.75 -14.91
N VAL B 100 1.86 -13.44 -14.64
CA VAL B 100 1.91 -12.95 -13.27
C VAL B 100 0.69 -13.41 -12.47
N GLU B 101 -0.52 -13.33 -13.07
CA GLU B 101 -1.72 -13.74 -12.34
C GLU B 101 -1.65 -15.22 -11.99
N ASN B 102 -1.20 -16.05 -12.93
CA ASN B 102 -1.07 -17.47 -12.62
C ASN B 102 -0.12 -17.67 -11.45
N LYS B 103 1.02 -16.96 -11.48
CA LYS B 103 2.03 -17.15 -10.42
C LYS B 103 1.52 -16.75 -9.04
N MET B 104 0.53 -15.85 -8.96
CA MET B 104 0.02 -15.42 -7.67
C MET B 104 -1.12 -16.29 -7.16
N LYS B 105 -1.64 -17.21 -7.98
CA LYS B 105 -2.68 -18.09 -7.49
C LYS B 105 -2.18 -18.91 -6.31
N GLY B 106 -2.99 -18.96 -5.25
CA GLY B 106 -2.63 -19.66 -4.05
C GLY B 106 -1.81 -18.88 -3.05
N THR B 107 -1.60 -17.57 -3.27
CA THR B 107 -0.71 -16.75 -2.42
C THR B 107 -1.49 -15.63 -1.74
N CYS B 108 -0.77 -14.89 -0.88
CA CYS B 108 -1.21 -13.66 -0.24
C CYS B 108 -1.98 -12.76 -1.22
N VAL B 109 -1.54 -12.72 -2.49
CA VAL B 109 -1.94 -11.68 -3.42
C VAL B 109 -2.70 -12.23 -4.62
N GLU B 110 -3.25 -13.44 -4.51
CA GLU B 110 -4.09 -13.98 -5.58
C GLU B 110 -5.23 -13.04 -5.94
N GLY B 111 -5.54 -12.96 -7.23
CA GLY B 111 -6.59 -12.12 -7.73
C GLY B 111 -6.21 -10.68 -8.02
N THR B 112 -4.94 -10.29 -7.79
CA THR B 112 -4.56 -8.88 -7.97
C THR B 112 -4.89 -8.40 -9.38
N ILE B 113 -4.53 -9.20 -10.40
CA ILE B 113 -4.76 -8.75 -11.77
C ILE B 113 -6.25 -8.55 -12.05
N PRO B 114 -7.13 -9.52 -11.79
CA PRO B 114 -8.58 -9.25 -11.97
C PRO B 114 -9.06 -8.03 -11.19
N LYS B 115 -8.70 -7.94 -9.92
CA LYS B 115 -9.10 -6.78 -9.11
C LYS B 115 -8.73 -5.47 -9.80
N LEU B 116 -7.55 -5.39 -10.43
CA LEU B 116 -7.12 -4.13 -11.02
C LEU B 116 -7.69 -3.91 -12.42
N PHE B 117 -7.70 -4.93 -13.29
CA PHE B 117 -7.93 -4.69 -14.71
C PHE B 117 -9.21 -5.29 -15.26
N ARG B 118 -9.94 -6.09 -14.48
CA ARG B 118 -11.05 -6.86 -15.04
C ARG B 118 -12.37 -6.11 -14.89
N GLY B 119 -13.14 -6.07 -15.98
CA GLY B 119 -14.46 -5.50 -15.95
C GLY B 119 -15.46 -6.48 -16.55
N LYS B 120 -16.74 -6.14 -16.42
CA LYS B 120 -17.82 -7.03 -16.84
C LYS B 120 -18.76 -6.31 -17.79
N MET B 121 -19.16 -7.01 -18.84
CA MET B 121 -20.11 -6.49 -19.81
C MET B 121 -21.09 -7.61 -20.19
N VAL B 122 -22.18 -7.23 -20.87
CA VAL B 122 -23.18 -8.17 -21.35
C VAL B 122 -23.40 -7.95 -22.83
N SER B 123 -23.32 -9.02 -23.61
CA SER B 123 -23.68 -9.01 -25.02
C SER B 123 -25.04 -9.67 -25.19
N TYR B 124 -25.88 -9.10 -26.07
CA TYR B 124 -27.25 -9.57 -26.20
C TYR B 124 -27.68 -9.63 -27.65
N ILE B 125 -28.67 -10.48 -27.91
CA ILE B 125 -29.40 -10.54 -29.16
C ILE B 125 -30.87 -10.53 -28.78
N GLN B 126 -31.60 -9.53 -29.27
CA GLN B 126 -33.01 -9.40 -28.95
C GLN B 126 -33.82 -9.50 -30.24
N CYS B 127 -34.67 -10.53 -30.32
CA CYS B 127 -35.61 -10.64 -31.42
C CYS B 127 -36.64 -9.51 -31.35
N LYS B 128 -36.98 -8.96 -32.53
CA LYS B 128 -37.89 -7.82 -32.62
C LYS B 128 -39.36 -8.22 -32.71
N GLU B 129 -39.69 -9.37 -33.30
CA GLU B 129 -41.08 -9.75 -33.53
C GLU B 129 -41.53 -11.01 -32.78
N VAL B 130 -40.68 -11.56 -31.92
CA VAL B 130 -41.01 -12.73 -31.11
C VAL B 130 -40.20 -12.62 -29.81
N ASP B 131 -40.62 -13.38 -28.79
CA ASP B 131 -40.09 -13.21 -27.43
C ASP B 131 -38.90 -14.14 -27.23
N TYR B 132 -37.75 -13.74 -27.77
CA TYR B 132 -36.54 -14.51 -27.54
C TYR B 132 -35.38 -13.57 -27.32
N ARG B 133 -34.67 -13.76 -26.22
CA ARG B 133 -33.52 -12.94 -25.90
C ARG B 133 -32.41 -13.82 -25.34
N SER B 134 -31.19 -13.61 -25.81
CA SER B 134 -30.01 -14.31 -25.31
C SER B 134 -29.01 -13.28 -24.80
N ASP B 135 -28.70 -13.35 -23.50
CA ASP B 135 -27.70 -12.49 -22.87
C ASP B 135 -26.47 -13.31 -22.52
N ARG B 136 -25.29 -12.71 -22.69
CA ARG B 136 -24.02 -13.38 -22.39
C ARG B 136 -23.12 -12.42 -21.63
N ARG B 137 -22.93 -12.68 -20.34
CA ARG B 137 -21.98 -11.93 -19.56
C ARG B 137 -20.56 -12.27 -20.01
N GLU B 138 -19.71 -11.26 -20.11
CA GLU B 138 -18.34 -11.46 -20.52
C GLU B 138 -17.42 -10.62 -19.66
N ASP B 139 -16.23 -11.16 -19.40
CA ASP B 139 -15.16 -10.43 -18.74
C ASP B 139 -14.26 -9.75 -19.77
N TYR B 140 -13.69 -8.60 -19.39
CA TYR B 140 -12.72 -7.96 -20.26
C TYR B 140 -11.61 -7.37 -19.39
N TYR B 141 -10.38 -7.47 -19.89
CA TYR B 141 -9.22 -6.83 -19.28
C TYR B 141 -8.79 -5.59 -20.04
N ASP B 142 -9.37 -5.35 -21.20
CA ASP B 142 -9.04 -4.20 -22.04
C ASP B 142 -10.19 -4.03 -23.03
N ILE B 143 -10.22 -2.86 -23.67
CA ILE B 143 -11.28 -2.46 -24.59
C ILE B 143 -10.64 -1.93 -25.86
N GLN B 144 -11.11 -2.41 -27.01
CA GLN B 144 -10.66 -1.92 -28.30
C GLN B 144 -11.68 -0.93 -28.84
N LEU B 145 -11.26 0.31 -29.04
CA LEU B 145 -12.17 1.40 -29.42
C LEU B 145 -12.01 1.74 -30.90
N SER B 146 -13.14 1.85 -31.61
CA SER B 146 -13.12 2.23 -33.00
C SER B 146 -12.89 3.74 -33.12
N ILE B 147 -11.96 4.16 -33.96
CA ILE B 147 -11.68 5.57 -34.12
C ILE B 147 -12.00 6.08 -35.52
N LYS B 148 -11.97 5.23 -36.54
CA LYS B 148 -12.25 5.73 -37.89
C LYS B 148 -13.67 6.29 -37.94
N GLY B 149 -13.77 7.53 -38.39
CA GLY B 149 -15.03 8.25 -38.37
C GLY B 149 -15.44 8.77 -37.01
N LYS B 150 -14.60 8.62 -35.99
CA LYS B 150 -14.91 9.06 -34.64
C LYS B 150 -14.06 10.27 -34.29
N LYS B 151 -14.68 11.27 -33.67
CA LYS B 151 -13.94 12.47 -33.33
C LYS B 151 -13.27 12.38 -31.96
N ASN B 152 -13.81 11.59 -31.04
CA ASN B 152 -13.33 11.58 -29.67
C ASN B 152 -13.78 10.31 -28.95
N ILE B 153 -13.18 10.07 -27.77
CA ILE B 153 -13.50 8.89 -26.97
C ILE B 153 -15.01 8.73 -26.79
N PHE B 154 -15.72 9.84 -26.56
CA PHE B 154 -17.16 9.76 -26.29
C PHE B 154 -17.89 9.10 -27.45
N GLU B 155 -17.73 9.63 -28.67
CA GLU B 155 -18.33 9.00 -29.83
C GLU B 155 -17.88 7.54 -29.97
N SER B 156 -16.66 7.25 -29.54
CA SER B 156 -16.16 5.88 -29.64
C SER B 156 -16.94 4.95 -28.72
N PHE B 157 -17.26 5.42 -27.50
CA PHE B 157 -18.06 4.61 -26.61
C PHE B 157 -19.50 4.52 -27.10
N VAL B 158 -20.06 5.65 -27.58
CA VAL B 158 -21.38 5.62 -28.20
C VAL B 158 -21.42 4.52 -29.26
N ASP B 159 -20.40 4.45 -30.10
CA ASP B 159 -20.39 3.45 -31.16
C ASP B 159 -20.25 2.04 -30.59
N TYR B 160 -19.42 1.88 -29.55
CA TYR B 160 -19.19 0.57 -28.94
C TYR B 160 -20.49 -0.07 -28.45
N VAL B 161 -21.37 0.73 -27.87
CA VAL B 161 -22.64 0.24 -27.35
C VAL B 161 -23.77 0.49 -28.34
N ALA B 162 -23.46 0.78 -29.60
CA ALA B 162 -24.52 1.03 -30.55
C ALA B 162 -25.24 -0.27 -30.91
N VAL B 163 -26.56 -0.18 -31.07
CA VAL B 163 -27.37 -1.35 -31.39
C VAL B 163 -27.23 -1.69 -32.87
N GLU B 164 -26.80 -2.91 -33.16
CA GLU B 164 -26.72 -3.40 -34.53
C GLU B 164 -28.02 -4.11 -34.91
N GLN B 165 -28.47 -3.88 -36.14
CA GLN B 165 -29.72 -4.45 -36.65
C GLN B 165 -29.45 -5.70 -37.50
N LEU B 166 -30.08 -6.80 -37.16
CA LEU B 166 -29.94 -8.08 -37.87
C LEU B 166 -31.23 -8.34 -38.64
N ASP B 167 -31.22 -8.05 -39.94
CA ASP B 167 -32.37 -8.26 -40.81
C ASP B 167 -31.86 -8.55 -42.22
N GLY B 168 -32.77 -8.53 -43.19
CA GLY B 168 -32.44 -8.84 -44.57
C GLY B 168 -31.75 -10.18 -44.73
N ASP B 169 -30.55 -10.17 -45.32
CA ASP B 169 -29.77 -11.39 -45.48
C ASP B 169 -29.07 -11.82 -44.19
N ASN B 170 -28.98 -10.93 -43.18
CA ASN B 170 -28.34 -11.25 -41.91
C ASN B 170 -29.33 -11.35 -40.77
N LYS B 171 -30.50 -11.97 -41.02
CA LYS B 171 -31.41 -12.30 -39.95
C LYS B 171 -30.76 -13.26 -38.97
N TYR B 172 -31.24 -13.23 -37.73
CA TYR B 172 -30.75 -14.09 -36.66
C TYR B 172 -31.45 -15.44 -36.68
N ASP B 173 -30.67 -16.52 -36.59
CA ASP B 173 -31.20 -17.87 -36.40
C ASP B 173 -31.71 -17.97 -34.97
N ALA B 174 -33.03 -17.86 -34.79
CA ALA B 174 -33.66 -17.88 -33.47
C ALA B 174 -34.19 -19.26 -33.12
N GLY B 175 -33.60 -20.33 -33.67
CA GLY B 175 -33.91 -21.69 -33.28
C GLY B 175 -35.32 -22.13 -33.61
N GLU B 176 -36.13 -22.38 -32.58
CA GLU B 176 -37.52 -22.76 -32.82
C GLU B 176 -38.26 -21.71 -33.65
N HIS B 177 -37.86 -20.45 -33.53
CA HIS B 177 -38.58 -19.38 -34.21
C HIS B 177 -38.11 -19.16 -35.64
N GLY B 178 -37.07 -19.85 -36.09
CA GLY B 178 -36.58 -19.65 -37.44
C GLY B 178 -35.82 -18.33 -37.58
N LEU B 179 -35.59 -17.99 -38.85
CA LEU B 179 -34.94 -16.73 -39.18
C LEU B 179 -35.77 -15.56 -38.67
N GLN B 180 -35.17 -14.71 -37.85
CA GLN B 180 -35.90 -13.63 -37.20
C GLN B 180 -35.09 -12.34 -37.25
N GLU B 181 -35.77 -11.23 -37.48
CA GLU B 181 -35.12 -9.92 -37.34
C GLU B 181 -34.77 -9.68 -35.89
N ALA B 182 -33.58 -9.16 -35.63
CA ALA B 182 -33.17 -8.96 -34.24
C ALA B 182 -32.24 -7.76 -34.12
N GLU B 183 -31.97 -7.38 -32.86
CA GLU B 183 -31.02 -6.33 -32.50
C GLU B 183 -29.92 -6.94 -31.64
N LYS B 184 -28.68 -6.57 -31.92
CA LYS B 184 -27.52 -7.10 -31.21
C LYS B 184 -26.72 -5.94 -30.63
N GLY B 185 -26.14 -6.15 -29.45
CA GLY B 185 -25.34 -5.10 -28.84
C GLY B 185 -24.61 -5.58 -27.60
N VAL B 186 -23.97 -4.62 -26.92
CA VAL B 186 -23.28 -4.88 -25.67
C VAL B 186 -23.46 -3.70 -24.71
N LYS B 187 -23.46 -4.01 -23.41
CA LYS B 187 -23.61 -3.03 -22.34
C LYS B 187 -22.53 -3.25 -21.29
N PHE B 188 -22.03 -2.16 -20.71
CA PHE B 188 -21.06 -2.24 -19.64
C PHE B 188 -21.75 -2.44 -18.30
N LEU B 189 -21.36 -3.49 -17.58
CA LEU B 189 -21.85 -3.70 -16.22
C LEU B 189 -20.92 -3.09 -15.17
N THR B 190 -19.62 -3.25 -15.34
CA THR B 190 -18.65 -2.64 -14.45
C THR B 190 -17.48 -2.13 -15.25
N LEU B 191 -16.79 -1.14 -14.70
CA LEU B 191 -15.50 -0.71 -15.20
C LEU B 191 -14.44 -0.91 -14.13
N PRO B 192 -13.27 -1.40 -14.50
CA PRO B 192 -12.26 -1.78 -13.51
C PRO B 192 -11.48 -0.56 -13.04
N PRO B 193 -10.80 -0.66 -11.89
CA PRO B 193 -10.01 0.48 -11.41
C PRO B 193 -9.02 1.00 -12.44
N VAL B 194 -8.37 0.12 -13.19
CA VAL B 194 -7.44 0.52 -14.24
C VAL B 194 -8.01 0.11 -15.59
N LEU B 195 -8.19 1.10 -16.45
CA LEU B 195 -8.91 0.98 -17.71
C LEU B 195 -7.91 1.10 -18.84
N HIS B 196 -7.67 -0.01 -19.55
CA HIS B 196 -6.79 -0.06 -20.70
C HIS B 196 -7.64 0.07 -21.96
N LEU B 197 -7.44 1.16 -22.70
CA LEU B 197 -8.16 1.41 -23.94
C LEU B 197 -7.19 1.43 -25.09
N GLN B 198 -7.32 0.48 -26.02
CA GLN B 198 -6.58 0.55 -27.26
C GLN B 198 -7.40 1.27 -28.30
N LEU B 199 -6.73 2.06 -29.13
CA LEU B 199 -7.40 2.75 -30.22
C LEU B 199 -7.10 2.01 -31.50
N MET B 200 -8.15 1.74 -32.28
CA MET B 200 -8.00 0.86 -33.44
C MET B 200 -7.52 1.68 -34.64
N ARG B 201 -6.25 2.10 -34.55
CA ARG B 201 -5.66 2.91 -35.63
C ARG B 201 -5.14 2.06 -36.77
N PHE B 202 -4.71 0.82 -36.50
CA PHE B 202 -4.16 -0.06 -37.54
C PHE B 202 -5.32 -0.86 -38.11
N MET B 203 -5.77 -0.50 -39.31
CA MET B 203 -6.96 -1.12 -39.88
C MET B 203 -6.63 -1.79 -41.21
N TYR B 204 -7.34 -2.88 -41.48
CA TYR B 204 -7.14 -3.63 -42.72
C TYR B 204 -7.63 -2.82 -43.92
N ASP B 205 -6.78 -2.71 -44.93
CA ASP B 205 -7.19 -2.14 -46.22
C ASP B 205 -7.23 -3.27 -47.24
N PRO B 206 -8.41 -3.76 -47.63
CA PRO B 206 -8.46 -4.96 -48.50
C PRO B 206 -7.73 -4.78 -49.82
N GLN B 207 -7.52 -3.54 -50.28
CA GLN B 207 -6.87 -3.32 -51.56
C GLN B 207 -5.43 -3.82 -51.55
N THR B 208 -4.66 -3.42 -50.54
CA THR B 208 -3.27 -3.81 -50.43
C THR B 208 -3.08 -5.14 -49.71
N ASP B 209 -4.16 -5.76 -49.23
CA ASP B 209 -4.10 -6.94 -48.37
C ASP B 209 -3.05 -6.75 -47.28
N GLN B 210 -3.08 -5.58 -46.64
CA GLN B 210 -2.14 -5.24 -45.59
C GLN B 210 -2.80 -4.26 -44.63
N ASN B 211 -2.24 -4.16 -43.43
CA ASN B 211 -2.76 -3.21 -42.47
C ASN B 211 -2.17 -1.82 -42.71
N ILE B 212 -2.95 -0.80 -42.39
CA ILE B 212 -2.58 0.58 -42.67
C ILE B 212 -2.95 1.43 -41.47
N LYS B 213 -1.98 2.14 -40.91
CA LYS B 213 -2.23 2.97 -39.75
C LYS B 213 -3.07 4.19 -40.15
N ILE B 214 -4.14 4.43 -39.39
CA ILE B 214 -4.94 5.64 -39.56
C ILE B 214 -4.37 6.72 -38.66
N ASN B 215 -4.00 7.85 -39.25
CA ASN B 215 -3.46 8.97 -38.51
C ASN B 215 -4.49 10.07 -38.25
N ASP B 216 -5.76 9.81 -38.54
CA ASP B 216 -6.82 10.80 -38.34
C ASP B 216 -6.78 11.35 -36.92
N ARG B 217 -7.28 12.59 -36.78
CA ARG B 217 -7.40 13.21 -35.47
C ARG B 217 -8.40 12.45 -34.60
N PHE B 218 -8.02 12.22 -33.34
CA PHE B 218 -8.88 11.55 -32.38
C PHE B 218 -8.59 12.09 -30.99
N GLU B 219 -9.57 12.74 -30.38
CA GLU B 219 -9.38 13.47 -29.14
C GLU B 219 -9.80 12.62 -27.94
N PHE B 220 -9.02 12.73 -26.86
CA PHE B 220 -9.38 12.09 -25.60
C PHE B 220 -9.16 13.08 -24.47
N PRO B 221 -9.96 12.99 -23.41
CA PRO B 221 -9.85 13.96 -22.32
C PRO B 221 -8.95 13.50 -21.18
N GLU B 222 -8.51 14.48 -20.41
CA GLU B 222 -7.82 14.19 -19.16
C GLU B 222 -8.78 13.62 -18.14
N GLN B 223 -10.05 13.98 -18.21
CA GLN B 223 -11.06 13.45 -17.32
C GLN B 223 -12.18 12.82 -18.13
N LEU B 224 -12.48 11.56 -17.84
CA LEU B 224 -13.42 10.76 -18.62
C LEU B 224 -14.60 10.32 -17.74
N PRO B 225 -15.76 10.96 -17.88
CA PRO B 225 -16.96 10.42 -17.21
C PRO B 225 -17.57 9.30 -18.04
N LEU B 226 -17.76 8.13 -17.44
CA LEU B 226 -18.30 6.98 -18.16
C LEU B 226 -19.60 6.44 -17.55
N ASP B 227 -20.16 7.11 -16.54
CA ASP B 227 -21.41 6.64 -15.95
C ASP B 227 -22.48 6.38 -17.01
N GLU B 228 -22.60 7.27 -18.00
CA GLU B 228 -23.66 7.13 -19.00
C GLU B 228 -23.52 5.87 -19.85
N PHE B 229 -22.46 5.07 -19.70
CA PHE B 229 -22.32 3.82 -20.41
C PHE B 229 -22.44 2.61 -19.50
N LEU B 230 -22.82 2.80 -18.25
CA LEU B 230 -23.08 1.70 -17.33
C LEU B 230 -24.55 1.31 -17.41
N GLN B 231 -24.82 0.01 -17.29
CA GLN B 231 -26.21 -0.44 -17.20
C GLN B 231 -26.91 0.22 -16.03
N LYS B 232 -26.32 0.11 -14.84
CA LYS B 232 -26.73 0.87 -13.67
C LYS B 232 -25.52 1.57 -13.08
N THR B 233 -25.71 2.82 -12.69
CA THR B 233 -24.66 3.62 -12.07
C THR B 233 -24.76 3.54 -10.56
N ASP B 234 -23.67 3.93 -9.90
CA ASP B 234 -23.55 3.82 -8.45
C ASP B 234 -23.23 5.19 -7.88
N PRO B 235 -24.22 5.94 -7.40
CA PRO B 235 -23.90 7.12 -6.59
C PRO B 235 -22.98 6.71 -5.45
N LYS B 236 -22.10 7.62 -5.06
CA LYS B 236 -21.04 7.39 -4.07
C LYS B 236 -19.85 6.64 -4.68
N ASP B 237 -19.95 6.16 -5.92
CA ASP B 237 -18.77 5.73 -6.69
C ASP B 237 -19.06 5.88 -8.17
N PRO B 238 -19.16 7.11 -8.66
CA PRO B 238 -19.37 7.32 -10.10
C PRO B 238 -18.15 6.88 -10.90
N ALA B 239 -18.40 6.65 -12.18
CA ALA B 239 -17.36 6.13 -13.08
C ALA B 239 -16.60 7.28 -13.74
N ASN B 240 -15.92 8.07 -12.91
CA ASN B 240 -15.07 9.17 -13.40
C ASN B 240 -13.62 8.71 -13.46
N TYR B 241 -12.97 8.94 -14.60
CA TYR B 241 -11.64 8.41 -14.84
C TYR B 241 -10.64 9.52 -15.11
N ILE B 242 -9.39 9.23 -14.73
CA ILE B 242 -8.27 10.16 -14.74
C ILE B 242 -7.20 9.59 -15.68
N LEU B 243 -6.87 10.34 -16.72
CA LEU B 243 -5.85 9.89 -17.67
C LEU B 243 -4.50 9.70 -16.95
N HIS B 244 -3.91 8.51 -17.16
CA HIS B 244 -2.64 8.13 -16.54
C HIS B 244 -1.49 7.96 -17.52
N ALA B 245 -1.72 7.33 -18.67
CA ALA B 245 -0.67 7.15 -19.65
C ALA B 245 -1.25 7.34 -21.04
N VAL B 246 -0.40 7.81 -21.96
CA VAL B 246 -0.72 7.93 -23.37
C VAL B 246 0.42 7.27 -24.13
N LEU B 247 0.15 6.11 -24.75
CA LEU B 247 1.13 5.44 -25.57
C LEU B 247 1.04 5.93 -27.01
N VAL B 248 2.17 6.38 -27.53
CA VAL B 248 2.21 7.21 -28.72
C VAL B 248 3.16 6.61 -29.75
N HIS B 249 2.74 6.67 -30.99
CA HIS B 249 3.52 6.22 -32.14
C HIS B 249 3.55 7.36 -33.15
N SER B 250 4.74 7.62 -33.70
CA SER B 250 4.92 8.55 -34.81
C SER B 250 5.32 7.75 -36.05
N GLY B 251 4.57 7.93 -37.14
CA GLY B 251 4.89 7.29 -38.40
C GLY B 251 3.76 6.42 -38.90
N ASP B 252 4.12 5.40 -39.69
CA ASP B 252 3.15 4.58 -40.40
C ASP B 252 3.41 3.09 -40.30
N ASN B 253 4.44 2.66 -39.58
CA ASN B 253 4.88 1.28 -39.64
C ASN B 253 5.67 0.96 -38.37
N HIS B 254 6.11 -0.30 -38.27
CA HIS B 254 6.87 -0.75 -37.10
C HIS B 254 8.25 -0.10 -37.03
N GLY B 255 8.70 0.56 -38.09
CA GLY B 255 9.94 1.31 -37.99
C GLY B 255 9.78 2.68 -37.37
N GLY B 256 8.57 3.04 -36.96
CA GLY B 256 8.29 4.34 -36.38
C GLY B 256 8.82 4.50 -34.97
N HIS B 257 8.52 5.68 -34.39
CA HIS B 257 9.03 6.11 -33.09
C HIS B 257 7.97 5.86 -32.03
N TYR B 258 8.31 5.10 -30.99
CA TYR B 258 7.39 4.73 -29.93
C TYR B 258 7.79 5.45 -28.64
N VAL B 259 6.86 6.20 -28.04
CA VAL B 259 7.09 6.83 -26.73
C VAL B 259 5.83 6.68 -25.89
N VAL B 260 5.97 6.85 -24.58
CA VAL B 260 4.81 6.91 -23.69
C VAL B 260 4.89 8.13 -22.78
N TYR B 261 3.75 8.75 -22.53
CA TYR B 261 3.64 9.84 -21.57
C TYR B 261 2.85 9.41 -20.33
N LEU B 262 3.33 9.83 -19.17
CA LEU B 262 2.74 9.43 -17.90
C LEU B 262 2.75 10.60 -16.95
N ASN B 263 1.69 10.74 -16.17
CA ASN B 263 1.81 11.47 -14.92
C ASN B 263 1.76 10.43 -13.80
N PRO B 264 2.90 9.84 -13.46
CA PRO B 264 2.91 8.62 -12.61
C PRO B 264 2.15 8.75 -11.31
N LYS B 265 2.21 9.90 -10.66
CA LYS B 265 1.47 10.12 -9.42
C LYS B 265 0.02 10.51 -9.66
N GLY B 266 -0.42 10.63 -10.90
CA GLY B 266 -1.80 10.98 -11.18
C GLY B 266 -2.15 12.40 -10.88
N ASP B 267 -1.15 13.27 -10.68
CA ASP B 267 -1.35 14.65 -10.28
C ASP B 267 -1.25 15.63 -11.45
N GLY B 268 -1.25 15.15 -12.69
CA GLY B 268 -1.14 16.07 -13.81
C GLY B 268 0.24 16.61 -14.09
N LYS B 269 1.28 16.09 -13.39
CA LYS B 269 2.68 16.44 -13.67
C LYS B 269 3.26 15.36 -14.56
N TRP B 270 3.48 15.69 -15.84
CA TRP B 270 3.74 14.69 -16.87
C TRP B 270 5.23 14.58 -17.19
N CYS B 271 5.60 13.39 -17.68
CA CYS B 271 6.93 13.11 -18.20
C CYS B 271 6.80 12.31 -19.49
N LYS B 272 7.78 12.46 -20.37
CA LYS B 272 7.86 11.69 -21.61
C LYS B 272 8.92 10.61 -21.41
N PHE B 273 8.53 9.34 -21.62
CA PHE B 273 9.47 8.23 -21.52
C PHE B 273 9.83 7.80 -22.93
N ASP B 274 11.08 8.07 -23.31
CA ASP B 274 11.59 7.85 -24.65
C ASP B 274 12.82 6.94 -24.54
N ASP B 275 12.55 5.65 -24.31
CA ASP B 275 13.58 4.68 -23.99
C ASP B 275 14.44 5.19 -22.83
N ASP B 276 15.72 5.49 -23.07
CA ASP B 276 16.56 5.88 -21.95
C ASP B 276 16.41 7.34 -21.53
N VAL B 277 15.69 8.16 -22.27
CA VAL B 277 15.58 9.59 -21.96
C VAL B 277 14.21 9.84 -21.35
N VAL B 278 14.18 10.17 -20.06
CA VAL B 278 12.94 10.54 -19.38
C VAL B 278 13.02 12.02 -19.06
N SER B 279 11.98 12.75 -19.42
CA SER B 279 12.04 14.20 -19.28
C SER B 279 10.66 14.77 -19.03
N ARG B 280 10.62 15.81 -18.21
CA ARG B 280 9.37 16.52 -17.95
C ARG B 280 8.83 17.12 -19.25
N CYS B 281 7.52 17.12 -19.38
CA CYS B 281 6.85 17.71 -20.54
C CYS B 281 5.62 18.44 -20.06
N THR B 282 5.05 19.22 -20.95
CA THR B 282 3.80 19.90 -20.65
C THR B 282 2.63 18.91 -20.72
N LYS B 283 1.51 19.32 -20.13
CA LYS B 283 0.29 18.53 -20.25
C LYS B 283 -0.18 18.47 -21.69
N GLU B 284 -0.08 19.60 -22.40
CA GLU B 284 -0.48 19.67 -23.80
C GLU B 284 0.27 18.67 -24.67
N GLU B 285 1.58 18.58 -24.50
CA GLU B 285 2.33 17.64 -25.31
C GLU B 285 1.92 16.20 -25.00
N ALA B 286 1.57 15.91 -23.75
CA ALA B 286 1.15 14.56 -23.38
C ALA B 286 -0.23 14.24 -23.92
N ILE B 287 -1.09 15.24 -24.07
CA ILE B 287 -2.48 14.99 -24.40
C ILE B 287 -2.82 15.50 -25.81
N GLU B 288 -3.16 16.79 -25.91
CA GLU B 288 -3.71 17.30 -27.17
C GLU B 288 -2.74 17.12 -28.34
N HIS B 289 -1.43 17.20 -28.12
CA HIS B 289 -0.47 17.02 -29.22
C HIS B 289 -0.40 15.58 -29.73
N ASN B 290 -1.06 14.65 -29.06
CA ASN B 290 -1.16 13.28 -29.56
C ASN B 290 -2.54 12.98 -30.11
N TYR B 291 -3.31 14.03 -30.42
CA TYR B 291 -4.65 13.85 -30.99
C TYR B 291 -4.59 13.35 -32.42
N GLY B 292 -3.50 13.63 -33.14
CA GLY B 292 -3.38 13.26 -34.53
C GLY B 292 -3.94 14.32 -35.47
N GLY B 293 -3.93 13.99 -36.76
CA GLY B 293 -4.46 14.87 -37.78
C GLY B 293 -3.47 15.29 -38.85
N CYS B 303 1.41 12.69 -38.25
CA CYS B 303 1.42 11.25 -38.04
C CYS B 303 1.90 10.84 -36.63
N THR B 304 1.82 11.76 -35.68
CA THR B 304 2.10 11.50 -34.27
C THR B 304 0.79 11.45 -33.49
N ASN B 305 0.56 10.34 -32.78
CA ASN B 305 -0.73 10.20 -32.11
C ASN B 305 -0.72 8.99 -31.18
N ALA B 306 -1.77 8.92 -30.35
CA ALA B 306 -1.95 7.86 -29.38
C ALA B 306 -2.57 6.62 -30.02
N TYR B 307 -2.18 5.45 -29.49
CA TYR B 307 -2.80 4.19 -29.81
C TYR B 307 -3.30 3.43 -28.58
N MET B 308 -3.00 3.92 -27.38
CA MET B 308 -3.46 3.25 -26.17
C MET B 308 -3.44 4.27 -25.06
N LEU B 309 -4.53 4.29 -24.28
CA LEU B 309 -4.67 5.18 -23.14
C LEU B 309 -4.92 4.34 -21.89
N VAL B 310 -4.39 4.77 -20.76
CA VAL B 310 -4.70 4.14 -19.47
C VAL B 310 -5.36 5.17 -18.57
N TYR B 311 -6.60 4.88 -18.18
CA TYR B 311 -7.35 5.62 -17.20
C TYR B 311 -7.36 4.89 -15.86
N ILE B 312 -7.33 5.66 -14.78
CA ILE B 312 -7.54 5.13 -13.44
C ILE B 312 -8.82 5.75 -12.89
N ARG B 313 -9.67 4.94 -12.27
CA ARG B 313 -10.89 5.47 -11.67
C ARG B 313 -10.54 6.39 -10.50
N GLU B 314 -11.20 7.54 -10.45
CA GLU B 314 -10.81 8.57 -9.50
C GLU B 314 -10.89 8.08 -8.06
N SER B 315 -11.97 7.39 -7.69
CA SER B 315 -12.06 6.84 -6.34
C SER B 315 -10.97 5.81 -6.05
N LYS B 316 -10.33 5.25 -7.08
CA LYS B 316 -9.29 4.25 -6.87
C LYS B 316 -7.88 4.84 -6.89
N LEU B 317 -7.72 6.09 -7.31
CA LEU B 317 -6.40 6.64 -7.63
C LEU B 317 -5.40 6.42 -6.49
N SER B 318 -5.80 6.72 -5.25
CA SER B 318 -4.88 6.61 -4.13
C SER B 318 -4.51 5.17 -3.80
N GLU B 319 -5.32 4.21 -4.22
CA GLU B 319 -4.99 2.81 -3.96
C GLU B 319 -4.10 2.26 -5.07
N VAL B 320 -4.52 2.44 -6.33
CA VAL B 320 -3.71 1.96 -7.45
C VAL B 320 -2.31 2.56 -7.42
N LEU B 321 -2.18 3.79 -6.92
CA LEU B 321 -0.93 4.54 -6.94
C LEU B 321 -0.33 4.68 -5.55
N GLN B 322 -0.60 3.70 -4.68
CA GLN B 322 -0.06 3.70 -3.33
C GLN B 322 1.46 3.68 -3.37
N ALA B 323 2.07 4.24 -2.33
CA ALA B 323 3.51 4.22 -2.21
C ALA B 323 4.01 2.79 -2.32
N VAL B 324 4.99 2.59 -3.18
CA VAL B 324 5.71 1.32 -3.23
C VAL B 324 7.19 1.64 -3.07
N THR B 325 7.80 1.05 -2.07
CA THR B 325 9.13 1.42 -1.59
C THR B 325 10.02 0.19 -1.58
N ASP B 326 11.23 0.35 -1.04
CA ASP B 326 12.12 -0.79 -0.90
C ASP B 326 11.69 -1.71 0.22
N HIS B 327 10.94 -1.20 1.20
CA HIS B 327 10.30 -2.04 2.22
C HIS B 327 9.49 -3.17 1.62
N ASP B 328 9.03 -2.99 0.39
CA ASP B 328 8.06 -3.90 -0.22
C ASP B 328 8.72 -5.04 -0.98
N ILE B 329 10.05 -5.13 -0.95
CA ILE B 329 10.76 -6.17 -1.68
C ILE B 329 11.32 -7.16 -0.68
N PRO B 330 10.88 -8.41 -0.70
CA PRO B 330 11.41 -9.41 0.22
C PRO B 330 12.94 -9.48 0.13
N GLN B 331 13.58 -9.53 1.31
CA GLN B 331 15.03 -9.63 1.33
C GLN B 331 15.51 -10.72 0.38
N GLN B 332 14.80 -11.86 0.36
CA GLN B 332 15.17 -12.98 -0.51
C GLN B 332 15.25 -12.53 -1.96
N LEU B 333 14.21 -11.86 -2.46
CA LEU B 333 14.23 -11.36 -3.83
C LEU B 333 15.40 -10.40 -4.04
N VAL B 334 15.53 -9.40 -3.17
CA VAL B 334 16.57 -8.40 -3.35
C VAL B 334 17.94 -9.06 -3.40
N GLU B 335 18.15 -10.08 -2.56
CA GLU B 335 19.45 -10.75 -2.56
C GLU B 335 19.70 -11.47 -3.88
N ARG B 336 18.66 -12.05 -4.47
CA ARG B 336 18.86 -12.76 -5.73
C ARG B 336 19.08 -11.79 -6.88
N LEU B 337 18.30 -10.70 -6.93
CA LEU B 337 18.52 -9.72 -7.98
C LEU B 337 19.89 -9.05 -7.84
N GLN B 338 20.34 -8.82 -6.61
CA GLN B 338 21.63 -8.16 -6.42
C GLN B 338 22.78 -9.07 -6.80
N GLU B 339 22.72 -10.34 -6.39
CA GLU B 339 23.71 -11.32 -6.84
C GLU B 339 23.75 -11.40 -8.36
N GLU B 340 22.58 -11.44 -9.00
CA GLU B 340 22.53 -11.58 -10.44
C GLU B 340 23.21 -10.39 -11.12
N LYS B 341 22.98 -9.17 -10.62
CA LYS B 341 23.65 -8.00 -11.18
C LYS B 341 25.16 -8.09 -11.00
N ARG B 342 25.62 -8.53 -9.82
CA ARG B 342 27.06 -8.70 -9.60
C ARG B 342 27.66 -9.66 -10.61
N ILE B 343 26.90 -10.69 -11.01
CA ILE B 343 27.42 -11.68 -11.94
C ILE B 343 27.46 -11.10 -13.35
N GLU B 344 26.43 -10.33 -13.74
CA GLU B 344 26.46 -9.62 -15.01
C GLU B 344 27.65 -8.67 -15.07
N ALA B 345 27.79 -7.82 -14.05
CA ALA B 345 28.91 -6.89 -13.99
C ALA B 345 30.26 -7.60 -14.13
N GLN B 346 30.33 -8.87 -13.69
CA GLN B 346 31.54 -9.66 -13.86
C GLN B 346 31.70 -10.19 -15.28
N LYS B 347 30.60 -10.37 -16.01
CA LYS B 347 30.62 -10.87 -17.37
C LYS B 347 30.70 -9.73 -18.40
N1 9QD C . -0.59 1.66 33.06
N3 9QD C . 9.91 2.39 33.97
C4 9QD C . -0.53 1.66 31.61
C5 9QD C . -1.76 1.71 33.70
C6 9QD C . -1.82 1.98 35.19
C7 9QD C . -2.60 3.27 35.47
C8 9QD C . -2.82 3.57 36.96
C10 9QD C . -2.27 4.99 33.72
C13 9QD C . 0.07 5.88 34.95
C15 9QD C . 0.68 1.52 33.77
C17 9QD C . 4.81 2.58 30.89
C20 9QD C . 8.63 2.75 33.69
C21 9QD C . 10.56 1.46 33.27
C22 9QD C . 12.01 1.73 32.97
C24 9QD C . 14.65 2.86 34.50
C26 9QD C . 18.37 2.45 34.29
C28 9QD C . 15.17 0.51 34.29
N 9QD C . 4.07 3.37 31.68
C 9QD C . 4.60 3.90 32.89
O 9QD C . 3.93 4.66 33.64
C1 9QD C . 2.71 3.69 31.28
C11 9QD C . -1.53 6.04 33.17
C12 9QD C . -0.37 6.49 33.78
C14 9QD C . -0.66 4.83 35.51
C16 9QD C . 1.65 2.56 33.24
C18 9QD C . 6.71 2.65 32.27
C19 9QD C . 8.02 2.28 32.53
C2 9QD C . 1.79 2.57 31.72
C23 9QD C . 12.88 1.25 34.13
C25 9QD C . 16.10 3.22 34.16
C27 9QD C . 16.59 0.87 33.92
C29 9QD C . 7.96 3.59 34.58
C3 9QD C . 0.39 2.77 31.14
C30 9QD C . 6.64 3.98 34.36
C31 9QD C . 5.99 3.54 33.22
C9 9QD C . -1.83 4.40 34.89
N2 9QD C . 6.08 2.23 31.16
N4 9QD C . 14.29 1.59 33.84
N5 9QD C . 16.97 2.13 34.60
O1 9QD C . 2.33 1.34 31.25
O2 9QD C . -2.80 1.57 33.08
O3 9QD C . 10.06 0.41 32.90
C ACT D . 6.11 0.32 36.21
O ACT D . 4.92 0.65 35.93
OXT ACT D . 6.78 -0.27 35.34
CH3 ACT D . 6.74 0.64 37.54
H1 ACT D . 6.01 1.16 38.17
H2 ACT D . 7.61 1.27 37.40
H3 ACT D . 7.03 -0.29 38.02
N1 9QD E . 0.93 -1.68 -33.21
N3 9QD E . -9.06 -4.59 -34.24
C4 9QD E . 0.85 -1.57 -31.76
C5 9QD E . 2.04 -1.31 -33.85
C6 9QD E . 2.03 -1.20 -35.35
C7 9QD E . 2.28 0.25 -35.76
C8 9QD E . 2.39 0.40 -37.28
C10 9QD E . 1.40 1.90 -34.12
C13 9QD E . -1.06 1.90 -35.39
C15 9QD E . -0.21 -2.29 -33.92
C17 9QD E . -4.47 -0.77 -33.57
C20 9QD E . -8.00 -3.96 -33.70
C21 9QD E . -9.85 -5.45 -33.55
C22 9QD E . -11.08 -5.92 -34.30
C24 9QD E . -13.42 -7.66 -32.93
C26 9QD E . -16.04 -9.47 -34.88
C28 9QD E . -14.67 -6.05 -34.15
N 9QD E . -4.04 -1.21 -32.37
C 9QD E . -4.69 -2.27 -31.73
O 9QD E . -4.34 -2.71 -30.62
C1 9QD E . -2.88 -0.64 -31.68
C11 9QD E . 0.37 2.70 -33.63
C12 9QD E . -0.88 2.69 -34.27
C14 9QD E . -0.04 1.10 -35.88
C16 9QD E . -1.52 -1.64 -33.47
C18 9QD E . -6.25 -2.32 -33.72
C19 9QD E . -7.35 -2.90 -34.36
C2 9QD E . -1.66 -1.50 -31.96
C23 9QD E . -12.34 -5.58 -33.52
C25 9QD E . -14.13 -8.81 -33.63
C27 9QD E . -15.46 -7.14 -34.85
C29 9QD E . -7.56 -4.42 -32.45
C3 9QD E . -0.43 -0.82 -31.40
C30 9QD E . -6.48 -3.89 -31.79
C31 9QD E . -5.84 -2.86 -32.40
C9 9QD E . 1.20 1.10 -35.25
N2 9QD E . -5.53 -1.30 -34.23
N4 9QD E . -13.33 -6.59 -33.94
N5 9QD E . -15.48 -8.39 -34.06
O1 9QD E . -1.84 -2.78 -31.34
O2 9QD E . 3.06 -1.04 -33.23
O3 9QD E . -9.68 -5.88 -32.42
C ACT F . -4.82 -5.32 -36.12
O ACT F . -5.24 -6.09 -35.21
OXT ACT F . -3.76 -4.67 -35.87
CH3 ACT F . -5.55 -5.22 -37.43
H1 ACT F . -6.42 -5.87 -37.41
H2 ACT F . -4.88 -5.52 -38.24
H3 ACT F . -5.86 -4.19 -37.58
C1 GOL G . -0.65 -7.46 -37.11
O1 GOL G . -1.22 -8.75 -36.99
C2 GOL G . -0.88 -6.67 -35.82
O2 GOL G . -0.65 -7.53 -34.74
C3 GOL G . 0.00 -5.41 -35.79
O3 GOL G . 1.05 -5.47 -34.85
H11 GOL G . 0.42 -7.54 -37.31
H12 GOL G . -1.11 -6.93 -37.95
HO1 GOL G . -1.13 -9.23 -37.85
H2 GOL G . -1.92 -6.35 -35.81
HO2 GOL G . 0.29 -7.81 -34.74
H31 GOL G . 0.43 -5.26 -36.78
H32 GOL G . -0.62 -4.55 -35.57
HO3 GOL G . 1.11 -4.62 -34.37
#